data_6WEX
#
_entry.id   6WEX
#
_cell.length_a   117.810
_cell.length_b   117.810
_cell.length_c   438.260
_cell.angle_alpha   90.000
_cell.angle_beta   90.000
_cell.angle_gamma   120.000
#
_symmetry.space_group_name_H-M   'H 3 2'
#
loop_
_entity.id
_entity.type
_entity.pdbx_description
1 polymer Hemagglutinin
2 polymer 'Hemagglutinin HA2 chain'
3 polymer 'heavy chain'
4 polymer 'light chain'
5 non-polymer 2-acetamido-2-deoxy-beta-D-glucopyranose
#
loop_
_entity_poly.entity_id
_entity_poly.type
_entity_poly.pdbx_seq_one_letter_code
_entity_poly.pdbx_strand_id
1 'polypeptide(L)'
;PGDKICIGYHANNSTTQVDTLLEKNVTVTHSVELLENQKEKRFCKIMNKAPLDLKDCTIEGWILGNPKCDLLLGDQSWSY
IVERPNAQNGICYPGVLNELEELKAFIGSGERVERFEMFPKSTWAGVDTSRGVTNACPSYTIDSSFYRNLVWIVKTDSAT
YPVIKGTYNNTGTQPILYFWGVHHPLDTTVQDNLYGSGDKYVRMGTESMNFAKSPEIAARPAVNGQRSRIDYYWSVLRPG
ETLNVESNGNLIAPWYAYKFVSKKGAVFKSDLPIENCDATCQTITGVLRTNKTFQNVSPLWIGECPKYVKSESLRLATGL
RNVPQ
;
E
2 'polypeptide(L)'
;GIFGAIAGFIEGGWTGMIDGWYGYHHENSQGSGYAADRESTQKAIDGITNKVNSIINKMNTQFEAVDHEFSNLERRIGNL
NKRMEDGFLDVWTYNAELLVLLENERTLDLHDANVKNLYEKVKSQLRDNANDLGNGCFEFWHKCDNECMESVKNGTYDYP
KYQKESKLNRQGIESGRLVPRGSPGSGYIPEAPRDGQAYVRKDGEWVLLSTFLGHHHHHH
;
F
3 'polypeptide(L)'
;QVQLLESGGGVVQPGRSLRLSCAASGFTFSNYGMHWVRQAPGKGLEWVAIISFDGSKKYYANSVKGRSTISRDNSKNTLS
LQMESLGPEDTALYYCAKLPSPYYFDSRFVWVAASAFHFWGQGILVTVSSASTKGPSVFPLAPSSKSTSGGTAALGCLVK
DYFPEPVTVSWNSGALTSGVHTFPAVLQSSGLYSLSSVVTVPSSSLGTQTYICNVNHKPSNTKVDKRVEPKSCDK
;
H
4 'polypeptide(L)'
;MLTQPPSASGTPGQRVTISCSGSSSNIGGNTVHWFQQLPGTAPKLLIYTNSLRPSGVPDRFSGSKSGTSASLAISGLQSE
DEADYYCAAWDNSLNGQVFGGGTKLTVLGQPKAAPSVTLFPPSSEELQANKATLVCLISDFYPGAVTVAWKADSSPVKAG
VETTTPSKQSNNKYAASSYLSLTPEQWKSHRSYSCQVTHEGSTVEKTVAPTEC
;
L
#
# COMPACT_ATOMS: atom_id res chain seq x y z
N PRO A 1 33.81 -22.66 46.03
CA PRO A 1 35.16 -23.20 45.90
C PRO A 1 35.70 -23.12 44.48
N GLY A 2 34.96 -23.67 43.52
CA GLY A 2 35.41 -23.70 42.14
C GLY A 2 34.58 -22.86 41.20
N ASP A 3 35.17 -22.48 40.07
CA ASP A 3 34.46 -21.69 39.07
C ASP A 3 33.49 -22.58 38.27
N LYS A 4 32.52 -21.94 37.65
CA LYS A 4 31.47 -22.67 36.95
C LYS A 4 30.92 -21.82 35.80
N ILE A 5 30.42 -22.50 34.78
CA ILE A 5 29.70 -21.86 33.69
C ILE A 5 28.72 -22.87 33.13
N CYS A 6 27.57 -22.38 32.66
CA CYS A 6 26.52 -23.23 32.13
C CYS A 6 26.07 -22.71 30.77
N ILE A 7 25.40 -23.59 30.02
CA ILE A 7 24.85 -23.26 28.72
C ILE A 7 23.36 -23.58 28.77
N GLY A 8 22.52 -22.56 28.72
CA GLY A 8 21.10 -22.76 28.84
C GLY A 8 20.28 -22.10 27.75
N TYR A 9 18.96 -22.09 27.91
CA TYR A 9 18.06 -21.54 26.93
C TYR A 9 16.99 -20.71 27.64
N HIS A 10 16.37 -19.80 26.87
CA HIS A 10 15.41 -18.87 27.44
C HIS A 10 14.13 -19.59 27.86
N ALA A 11 13.60 -19.20 29.01
CA ALA A 11 12.32 -19.69 29.50
C ALA A 11 11.58 -18.54 30.16
N ASN A 12 10.25 -18.61 30.16
CA ASN A 12 9.43 -17.54 30.70
C ASN A 12 8.10 -18.12 31.16
N ASN A 13 7.16 -17.25 31.49
CA ASN A 13 5.84 -17.63 31.96
C ASN A 13 4.85 -17.87 30.81
N SER A 14 5.35 -18.13 29.61
CA SER A 14 4.47 -18.33 28.45
C SER A 14 3.64 -19.59 28.63
N THR A 15 2.34 -19.47 28.38
CA THR A 15 1.43 -20.61 28.47
C THR A 15 0.72 -20.88 27.14
N THR A 16 1.15 -20.23 26.06
CA THR A 16 0.60 -20.52 24.74
C THR A 16 1.21 -21.82 24.22
N GLN A 17 0.36 -22.73 23.78
CA GLN A 17 0.78 -24.07 23.38
C GLN A 17 0.62 -24.25 21.87
N VAL A 18 1.50 -25.07 21.31
CA VAL A 18 1.46 -25.44 19.90
C VAL A 18 1.37 -26.95 19.79
N ASP A 19 1.16 -27.43 18.57
CA ASP A 19 1.10 -28.86 18.28
C ASP A 19 2.22 -29.26 17.34
N THR A 20 2.44 -30.56 17.25
CA THR A 20 3.55 -31.13 16.52
C THR A 20 3.27 -32.61 16.30
N LEU A 21 3.75 -33.14 15.17
CA LEU A 21 3.52 -34.55 14.84
C LEU A 21 3.90 -35.48 15.99
N LEU A 22 4.96 -35.13 16.73
CA LEU A 22 5.42 -35.97 17.83
C LEU A 22 4.69 -35.68 19.14
N GLU A 23 4.67 -34.42 19.56
CA GLU A 23 4.02 -34.01 20.81
C GLU A 23 3.04 -32.88 20.52
N LYS A 24 1.93 -32.88 21.25
CA LYS A 24 0.89 -31.89 21.04
C LYS A 24 0.53 -31.21 22.35
N ASN A 25 -0.07 -30.02 22.24
CA ASN A 25 -0.38 -29.16 23.38
C ASN A 25 0.87 -28.91 24.21
N VAL A 26 1.95 -28.52 23.54
CA VAL A 26 3.24 -28.27 24.17
C VAL A 26 3.42 -26.76 24.29
N THR A 27 3.66 -26.29 25.50
CA THR A 27 3.83 -24.86 25.74
C THR A 27 5.12 -24.37 25.09
N VAL A 28 5.01 -23.34 24.26
CA VAL A 28 6.16 -22.76 23.58
C VAL A 28 6.40 -21.36 24.12
N THR A 29 7.60 -20.84 23.87
CA THR A 29 7.94 -19.50 24.34
C THR A 29 7.22 -18.44 23.52
N HIS A 30 7.42 -18.44 22.21
CA HIS A 30 6.76 -17.49 21.31
C HIS A 30 6.01 -18.27 20.24
N SER A 31 4.71 -18.01 20.11
CA SER A 31 3.87 -18.62 19.09
C SER A 31 3.15 -17.53 18.32
N VAL A 32 3.00 -17.74 17.01
CA VAL A 32 2.34 -16.77 16.13
C VAL A 32 1.15 -17.44 15.48
N GLU A 33 -0.05 -16.93 15.75
CA GLU A 33 -1.25 -17.50 15.17
C GLU A 33 -1.47 -16.93 13.77
N LEU A 34 -1.73 -17.82 12.81
CA LEU A 34 -1.92 -17.42 11.42
C LEU A 34 -3.39 -17.35 11.01
N LEU A 35 -4.30 -17.86 11.82
CA LEU A 35 -5.72 -17.89 11.50
C LEU A 35 -6.44 -16.74 12.19
N GLU A 36 -7.43 -16.18 11.50
CA GLU A 36 -8.24 -15.07 12.01
C GLU A 36 -9.71 -15.48 11.99
N ASN A 37 -10.33 -15.53 13.16
CA ASN A 37 -11.73 -15.89 13.28
C ASN A 37 -12.61 -14.80 13.84
N GLN A 38 -12.03 -13.71 14.38
CA GLN A 38 -12.82 -12.62 14.95
C GLN A 38 -13.13 -11.60 13.85
N LYS A 39 -14.41 -11.23 13.74
CA LYS A 39 -14.88 -10.39 12.65
C LYS A 39 -15.79 -9.30 13.17
N GLU A 40 -15.87 -8.20 12.41
CA GLU A 40 -16.87 -7.17 12.63
C GLU A 40 -18.12 -7.56 11.84
N LYS A 41 -19.19 -7.90 12.54
CA LYS A 41 -20.39 -8.48 11.93
C LYS A 41 -21.24 -7.39 11.30
N ARG A 42 -20.70 -6.80 10.23
CA ARG A 42 -21.40 -5.75 9.51
C ARG A 42 -20.91 -5.73 8.07
N PHE A 43 -21.40 -4.75 7.30
CA PHE A 43 -21.04 -4.59 5.89
C PHE A 43 -20.38 -3.22 5.71
N CYS A 44 -19.14 -3.22 5.26
CA CYS A 44 -18.37 -2.00 5.05
C CYS A 44 -18.13 -1.78 3.56
N LYS A 45 -17.47 -0.67 3.24
CA LYS A 45 -17.22 -0.31 1.85
C LYS A 45 -16.00 -1.03 1.30
N ILE A 46 -15.91 -1.04 -0.03
CA ILE A 46 -14.76 -1.58 -0.74
C ILE A 46 -14.26 -0.51 -1.70
N MET A 47 -12.99 -0.13 -1.55
CA MET A 47 -12.40 0.99 -2.28
C MET A 47 -13.20 2.27 -2.08
N ASN A 48 -13.78 2.43 -0.89
CA ASN A 48 -14.57 3.61 -0.53
C ASN A 48 -15.77 3.80 -1.47
N LYS A 49 -16.33 2.70 -1.96
CA LYS A 49 -17.51 2.74 -2.83
C LYS A 49 -18.69 2.12 -2.09
N ALA A 50 -19.83 2.81 -2.12
CA ALA A 50 -20.97 2.42 -1.30
C ALA A 50 -21.68 1.21 -1.91
N PRO A 51 -22.01 0.19 -1.11
CA PRO A 51 -22.73 -0.97 -1.65
C PRO A 51 -24.20 -0.68 -1.93
N LEU A 52 -24.95 -1.71 -2.30
CA LEU A 52 -26.37 -1.58 -2.62
C LEU A 52 -27.20 -2.51 -1.76
N ASP A 53 -28.42 -2.10 -1.45
CA ASP A 53 -29.32 -2.86 -0.60
C ASP A 53 -30.75 -2.71 -1.11
N LEU A 54 -31.56 -3.74 -0.85
CA LEU A 54 -32.98 -3.75 -1.20
C LEU A 54 -33.85 -3.65 0.05
N LYS A 55 -33.67 -4.58 0.99
CA LYS A 55 -34.25 -4.57 2.33
C LYS A 55 -35.73 -4.90 2.35
N ASP A 56 -36.37 -4.93 1.19
CA ASP A 56 -37.75 -5.40 1.07
C ASP A 56 -38.05 -6.06 -0.26
N CYS A 57 -37.08 -6.19 -1.16
CA CYS A 57 -37.33 -6.61 -2.52
C CYS A 57 -36.28 -7.63 -2.94
N THR A 58 -36.37 -8.04 -4.20
CA THR A 58 -35.38 -8.89 -4.85
C THR A 58 -34.77 -8.12 -6.00
N ILE A 59 -33.74 -8.70 -6.62
CA ILE A 59 -33.13 -8.09 -7.79
C ILE A 59 -34.13 -8.04 -8.94
N GLU A 60 -35.00 -9.05 -9.05
CA GLU A 60 -36.01 -9.09 -10.10
C GLU A 60 -36.88 -7.83 -10.06
N GLY A 61 -37.57 -7.61 -8.95
CA GLY A 61 -38.37 -6.40 -8.79
C GLY A 61 -37.57 -5.13 -8.88
N TRP A 62 -36.27 -5.19 -8.59
CA TRP A 62 -35.44 -3.99 -8.64
C TRP A 62 -35.21 -3.55 -10.08
N ILE A 63 -34.65 -4.44 -10.92
CA ILE A 63 -34.37 -4.02 -12.29
C ILE A 63 -35.63 -4.01 -13.16
N LEU A 64 -36.68 -4.74 -12.77
CA LEU A 64 -37.94 -4.64 -13.50
C LEU A 64 -38.68 -3.36 -13.17
N GLY A 65 -38.56 -2.88 -11.94
CA GLY A 65 -39.20 -1.63 -11.54
C GLY A 65 -40.51 -1.82 -10.81
N ASN A 66 -40.53 -2.74 -9.85
CA ASN A 66 -41.69 -2.89 -9.00
C ASN A 66 -41.95 -1.58 -8.26
N PRO A 67 -43.18 -1.04 -8.30
CA PRO A 67 -43.42 0.29 -7.71
C PRO A 67 -43.09 0.39 -6.23
N LYS A 68 -42.85 -0.74 -5.55
CA LYS A 68 -42.51 -0.74 -4.14
C LYS A 68 -41.01 -0.84 -3.88
N CYS A 69 -40.21 -0.79 -4.94
CA CYS A 69 -38.75 -0.86 -4.83
C CYS A 69 -38.10 0.33 -5.52
N ASP A 70 -38.80 1.46 -5.57
CA ASP A 70 -38.34 2.63 -6.31
C ASP A 70 -37.31 3.46 -5.55
N LEU A 71 -36.88 3.03 -4.36
CA LEU A 71 -35.81 3.75 -3.68
C LEU A 71 -34.50 3.63 -4.42
N LEU A 72 -34.26 2.47 -5.05
CA LEU A 72 -33.12 2.29 -5.95
C LEU A 72 -33.54 2.71 -7.35
N LEU A 73 -32.83 3.68 -7.92
CA LEU A 73 -33.37 4.32 -9.12
C LEU A 73 -32.33 5.26 -9.71
N GLY A 74 -32.56 5.62 -10.97
CA GLY A 74 -31.69 6.56 -11.66
C GLY A 74 -30.31 5.98 -11.91
N ASP A 75 -29.31 6.85 -11.86
CA ASP A 75 -27.92 6.48 -12.06
C ASP A 75 -27.32 6.06 -10.72
N GLN A 76 -26.90 4.80 -10.63
CA GLN A 76 -26.39 4.24 -9.38
C GLN A 76 -25.07 3.54 -9.63
N SER A 77 -24.30 3.37 -8.55
CA SER A 77 -23.03 2.67 -8.60
C SER A 77 -22.84 1.97 -7.26
N TRP A 78 -22.01 0.93 -7.27
CA TRP A 78 -21.80 0.12 -6.08
C TRP A 78 -20.55 -0.74 -6.27
N SER A 79 -20.26 -1.55 -5.26
CA SER A 79 -19.23 -2.57 -5.31
C SER A 79 -19.76 -3.97 -5.05
N TYR A 80 -20.81 -4.11 -4.23
CA TYR A 80 -21.47 -5.38 -4.00
C TYR A 80 -22.90 -5.11 -3.57
N ILE A 81 -23.78 -6.07 -3.84
CA ILE A 81 -25.22 -5.92 -3.61
C ILE A 81 -25.66 -6.92 -2.56
N VAL A 82 -26.52 -6.47 -1.64
CA VAL A 82 -27.04 -7.28 -0.55
C VAL A 82 -28.52 -7.50 -0.77
N GLU A 83 -28.95 -8.76 -0.71
CA GLU A 83 -30.35 -9.14 -0.88
C GLU A 83 -30.83 -9.84 0.38
N ARG A 84 -31.93 -9.34 0.96
CA ARG A 84 -32.43 -9.92 2.18
C ARG A 84 -33.25 -11.18 1.88
N PRO A 85 -33.21 -12.17 2.77
CA PRO A 85 -33.86 -13.46 2.46
C PRO A 85 -35.36 -13.40 2.48
N ASN A 86 -35.97 -12.73 3.47
CA ASN A 86 -37.41 -12.74 3.67
C ASN A 86 -38.12 -11.62 2.91
N ALA A 87 -37.54 -11.15 1.82
CA ALA A 87 -38.19 -10.12 1.02
C ALA A 87 -39.50 -10.64 0.43
N GLN A 88 -40.43 -9.72 0.18
CA GLN A 88 -41.73 -10.07 -0.36
C GLN A 88 -42.11 -9.35 -1.63
N ASN A 89 -41.33 -8.35 -2.07
CA ASN A 89 -41.66 -7.56 -3.26
C ASN A 89 -40.76 -8.02 -4.40
N GLY A 90 -41.21 -9.05 -5.11
CA GLY A 90 -40.49 -9.55 -6.27
C GLY A 90 -41.28 -9.40 -7.55
N ILE A 91 -41.52 -10.51 -8.24
CA ILE A 91 -42.32 -10.51 -9.45
C ILE A 91 -43.79 -10.43 -9.05
N CYS A 92 -44.45 -9.32 -9.38
CA CYS A 92 -45.84 -9.13 -8.99
C CYS A 92 -46.78 -9.85 -9.95
N TYR A 93 -46.76 -9.48 -11.22
CA TYR A 93 -47.55 -10.19 -12.22
C TYR A 93 -46.86 -11.52 -12.51
N PRO A 94 -47.52 -12.66 -12.28
CA PRO A 94 -46.81 -13.94 -12.31
C PRO A 94 -46.19 -14.23 -13.67
N GLY A 95 -45.04 -14.88 -13.63
CA GLY A 95 -44.30 -15.19 -14.84
C GLY A 95 -42.92 -15.70 -14.49
N VAL A 96 -42.15 -15.98 -15.54
CA VAL A 96 -40.80 -16.53 -15.41
C VAL A 96 -39.82 -15.56 -16.05
N LEU A 97 -38.81 -15.15 -15.27
CA LEU A 97 -37.74 -14.30 -15.78
C LEU A 97 -36.65 -15.21 -16.34
N ASN A 98 -36.51 -15.22 -17.66
CA ASN A 98 -35.61 -16.14 -18.32
C ASN A 98 -34.15 -15.80 -18.03
N GLU A 99 -33.35 -16.82 -17.75
CA GLU A 99 -31.92 -16.68 -17.45
C GLU A 99 -31.72 -15.72 -16.26
N LEU A 100 -32.51 -15.93 -15.22
CA LEU A 100 -32.45 -15.06 -14.05
C LEU A 100 -31.12 -15.23 -13.31
N GLU A 101 -30.61 -16.46 -13.25
CA GLU A 101 -29.35 -16.71 -12.56
C GLU A 101 -28.20 -16.03 -13.29
N GLU A 102 -28.18 -16.13 -14.63
CA GLU A 102 -27.18 -15.42 -15.41
C GLU A 102 -27.34 -13.91 -15.27
N LEU A 103 -28.58 -13.44 -15.12
CA LEU A 103 -28.81 -12.02 -14.91
C LEU A 103 -28.22 -11.56 -13.57
N LYS A 104 -28.44 -12.35 -12.51
CA LYS A 104 -27.86 -12.01 -11.22
C LYS A 104 -26.33 -12.04 -11.28
N ALA A 105 -25.77 -13.02 -11.98
CA ALA A 105 -24.31 -13.10 -12.11
C ALA A 105 -23.77 -11.88 -12.86
N PHE A 106 -24.44 -11.48 -13.93
CA PHE A 106 -23.99 -10.32 -14.71
C PHE A 106 -24.19 -9.02 -13.96
N ILE A 107 -25.18 -8.96 -13.07
CA ILE A 107 -25.41 -7.76 -12.27
C ILE A 107 -24.36 -7.65 -11.16
N GLY A 108 -23.99 -8.78 -10.55
CA GLY A 108 -22.96 -8.76 -9.53
C GLY A 108 -21.66 -8.14 -10.00
N SER A 109 -21.32 -8.32 -11.28
CA SER A 109 -20.14 -7.73 -11.87
C SER A 109 -20.35 -6.29 -12.31
N GLY A 110 -21.36 -5.61 -11.77
CA GLY A 110 -21.67 -4.25 -12.16
C GLY A 110 -21.02 -3.23 -11.25
N GLU A 111 -20.37 -2.24 -11.85
CA GLU A 111 -19.76 -1.15 -11.12
C GLU A 111 -20.60 0.12 -11.12
N ARG A 112 -21.16 0.50 -12.28
CA ARG A 112 -21.93 1.74 -12.33
C ARG A 112 -23.02 1.61 -13.38
N VAL A 113 -24.22 2.10 -13.04
CA VAL A 113 -25.36 2.07 -13.93
C VAL A 113 -25.96 3.46 -14.03
N GLU A 114 -26.66 3.70 -15.14
CA GLU A 114 -27.31 4.98 -15.42
C GLU A 114 -28.66 4.66 -16.07
N ARG A 115 -29.75 4.89 -15.34
CA ARG A 115 -31.07 4.57 -15.86
C ARG A 115 -31.53 5.65 -16.81
N PHE A 116 -31.98 5.23 -18.00
CA PHE A 116 -32.46 6.16 -19.02
C PHE A 116 -33.72 5.60 -19.66
N GLU A 117 -34.34 6.40 -20.51
CA GLU A 117 -35.55 6.01 -21.23
C GLU A 117 -35.17 5.68 -22.67
N MET A 118 -35.49 4.46 -23.10
CA MET A 118 -35.10 3.97 -24.42
C MET A 118 -36.25 4.05 -25.42
N PHE A 119 -37.38 3.42 -25.11
CA PHE A 119 -38.57 3.49 -25.97
C PHE A 119 -39.66 4.26 -25.24
N PRO A 120 -39.81 5.56 -25.47
CA PRO A 120 -40.86 6.33 -24.79
C PRO A 120 -42.25 5.80 -25.14
N LYS A 121 -43.23 6.21 -24.32
CA LYS A 121 -44.61 5.80 -24.56
C LYS A 121 -45.15 6.35 -25.87
N SER A 122 -44.59 7.45 -26.37
CA SER A 122 -45.00 8.05 -27.63
C SER A 122 -44.33 7.41 -28.84
N THR A 123 -43.77 6.21 -28.69
CA THR A 123 -43.15 5.50 -29.80
C THR A 123 -44.10 4.54 -30.51
N TRP A 124 -45.00 3.92 -29.76
CA TRP A 124 -45.94 2.95 -30.32
C TRP A 124 -47.19 3.68 -30.77
N ALA A 125 -47.46 3.64 -32.08
CA ALA A 125 -48.55 4.39 -32.68
C ALA A 125 -49.77 3.51 -32.87
N GLY A 126 -50.94 4.05 -32.55
CA GLY A 126 -52.19 3.36 -32.79
C GLY A 126 -52.67 2.46 -31.67
N VAL A 127 -52.12 2.61 -30.46
CA VAL A 127 -52.45 1.73 -29.35
C VAL A 127 -52.55 2.56 -28.07
N ASP A 128 -53.38 2.07 -27.13
CA ASP A 128 -53.58 2.76 -25.87
C ASP A 128 -52.44 2.41 -24.92
N THR A 129 -51.80 3.44 -24.37
CA THR A 129 -50.61 3.27 -23.56
C THR A 129 -50.88 3.46 -22.07
N SER A 130 -52.08 3.85 -21.68
CA SER A 130 -52.40 4.15 -20.29
C SER A 130 -53.07 3.00 -19.56
N ARG A 131 -53.77 2.11 -20.27
CA ARG A 131 -54.52 1.04 -19.64
C ARG A 131 -53.64 -0.04 -19.03
N GLY A 132 -52.32 0.01 -19.22
CA GLY A 132 -51.45 -1.05 -18.77
C GLY A 132 -51.17 -1.08 -17.28
N VAL A 133 -52.21 -1.35 -16.48
CA VAL A 133 -52.08 -1.44 -15.03
C VAL A 133 -52.91 -2.62 -14.54
N THR A 134 -52.52 -3.16 -13.39
CA THR A 134 -53.25 -4.26 -12.77
C THR A 134 -53.09 -4.17 -11.27
N ASN A 135 -54.07 -4.73 -10.54
CA ASN A 135 -54.02 -4.73 -9.09
C ASN A 135 -52.97 -5.67 -8.53
N ALA A 136 -52.46 -6.59 -9.35
CA ALA A 136 -51.42 -7.50 -8.89
C ALA A 136 -50.07 -6.79 -8.69
N CYS A 137 -49.88 -5.64 -9.32
CA CYS A 137 -48.64 -4.86 -9.21
C CYS A 137 -48.98 -3.50 -8.61
N PRO A 138 -49.28 -3.44 -7.31
CA PRO A 138 -49.67 -2.17 -6.70
C PRO A 138 -48.48 -1.34 -6.23
N SER A 139 -48.70 -0.04 -6.17
CA SER A 139 -47.77 0.86 -5.51
C SER A 139 -48.22 1.04 -4.06
N TYR A 140 -47.55 1.91 -3.32
CA TYR A 140 -47.96 2.17 -1.95
C TYR A 140 -49.12 3.15 -1.85
N THR A 141 -49.47 3.83 -2.93
CA THR A 141 -50.58 4.78 -2.95
C THR A 141 -51.83 4.18 -3.60
N ILE A 142 -51.70 3.71 -4.83
CA ILE A 142 -52.82 3.16 -5.57
C ILE A 142 -52.69 1.63 -5.59
N ASP A 143 -53.76 0.96 -6.00
CA ASP A 143 -53.78 -0.50 -6.05
C ASP A 143 -53.47 -1.06 -7.43
N SER A 144 -53.78 -0.34 -8.50
CA SER A 144 -53.54 -0.80 -9.86
C SER A 144 -52.39 0.00 -10.47
N SER A 145 -51.26 -0.66 -10.68
CA SER A 145 -50.09 -0.04 -11.29
C SER A 145 -49.33 -1.11 -12.06
N PHE A 146 -48.10 -0.79 -12.45
CA PHE A 146 -47.26 -1.72 -13.19
C PHE A 146 -45.81 -1.29 -13.02
N TYR A 147 -44.91 -2.04 -13.65
CA TYR A 147 -43.48 -1.74 -13.55
C TYR A 147 -43.18 -0.38 -14.15
N ARG A 148 -42.28 0.35 -13.50
CA ARG A 148 -41.87 1.67 -13.96
C ARG A 148 -40.91 1.62 -15.15
N ASN A 149 -40.53 0.42 -15.59
CA ASN A 149 -39.62 0.26 -16.72
C ASN A 149 -40.26 -0.42 -17.93
N LEU A 150 -41.48 -0.94 -17.80
CA LEU A 150 -42.15 -1.64 -18.88
C LEU A 150 -43.56 -1.08 -19.04
N VAL A 151 -44.07 -1.14 -20.26
CA VAL A 151 -45.38 -0.61 -20.62
C VAL A 151 -46.24 -1.74 -21.15
N TRP A 152 -47.40 -1.94 -20.54
CA TRP A 152 -48.35 -2.96 -20.98
C TRP A 152 -49.26 -2.33 -22.03
N ILE A 153 -48.92 -2.57 -23.30
CA ILE A 153 -49.65 -1.95 -24.40
C ILE A 153 -51.00 -2.64 -24.57
N VAL A 154 -52.07 -1.84 -24.58
CA VAL A 154 -53.43 -2.36 -24.67
C VAL A 154 -54.14 -1.67 -25.83
N LYS A 155 -55.17 -2.33 -26.33
CA LYS A 155 -55.95 -1.84 -27.47
C LYS A 155 -56.69 -0.55 -27.12
N THR A 156 -56.87 0.30 -28.13
CA THR A 156 -57.68 1.50 -27.99
C THR A 156 -59.16 1.15 -28.14
N ASP A 157 -60.01 2.17 -28.30
CA ASP A 157 -61.41 1.93 -28.62
C ASP A 157 -61.54 1.16 -29.92
N SER A 158 -60.83 1.61 -30.96
CA SER A 158 -60.79 0.86 -32.21
C SER A 158 -59.99 -0.43 -32.03
N ALA A 159 -60.39 -1.44 -32.77
CA ALA A 159 -59.88 -2.79 -32.57
C ALA A 159 -58.66 -3.06 -33.47
N THR A 160 -58.29 -4.33 -33.56
CA THR A 160 -57.30 -4.96 -34.43
C THR A 160 -55.86 -4.74 -34.00
N TYR A 161 -55.58 -3.88 -33.00
CA TYR A 161 -54.23 -3.68 -32.47
C TYR A 161 -53.22 -3.51 -33.60
N PRO A 162 -53.18 -2.35 -34.26
CA PRO A 162 -52.32 -2.20 -35.44
C PRO A 162 -50.86 -2.55 -35.15
N VAL A 163 -50.15 -2.96 -36.20
CA VAL A 163 -48.77 -3.42 -36.05
C VAL A 163 -47.91 -2.28 -35.52
N ILE A 164 -47.24 -2.53 -34.40
CA ILE A 164 -46.42 -1.53 -33.74
C ILE A 164 -44.95 -1.86 -33.97
N LYS A 165 -44.15 -0.83 -34.22
CA LYS A 165 -42.73 -0.95 -34.48
C LYS A 165 -41.96 0.07 -33.65
N GLY A 166 -40.72 -0.26 -33.34
CA GLY A 166 -39.84 0.64 -32.61
C GLY A 166 -38.39 0.31 -32.91
N THR A 167 -37.52 1.29 -32.68
CA THR A 167 -36.11 1.11 -32.97
C THR A 167 -35.28 2.00 -32.04
N TYR A 168 -34.04 1.59 -31.84
CA TYR A 168 -33.11 2.35 -31.01
C TYR A 168 -31.69 2.10 -31.49
N ASN A 169 -30.98 3.19 -31.80
CA ASN A 169 -29.59 3.14 -32.20
C ASN A 169 -28.68 3.39 -31.00
N ASN A 170 -27.50 2.79 -31.02
CA ASN A 170 -26.50 2.95 -29.97
C ASN A 170 -25.37 3.83 -30.49
N THR A 171 -25.27 5.03 -29.93
CA THR A 171 -24.25 6.00 -30.34
C THR A 171 -23.08 6.07 -29.38
N GLY A 172 -23.33 5.97 -28.08
CA GLY A 172 -22.29 6.09 -27.07
C GLY A 172 -21.42 4.85 -26.96
N THR A 173 -20.79 4.71 -25.79
CA THR A 173 -19.87 3.61 -25.52
C THR A 173 -20.30 2.77 -24.33
N GLN A 174 -21.55 2.91 -23.89
CA GLN A 174 -22.05 2.16 -22.74
C GLN A 174 -23.01 1.07 -23.18
N PRO A 175 -22.78 -0.18 -22.80
CA PRO A 175 -23.77 -1.22 -23.04
C PRO A 175 -25.09 -0.87 -22.36
N ILE A 176 -26.19 -1.41 -22.90
CA ILE A 176 -27.53 -1.04 -22.49
C ILE A 176 -28.27 -2.31 -22.10
N LEU A 177 -28.42 -2.56 -20.80
CA LEU A 177 -29.24 -3.65 -20.30
C LEU A 177 -30.71 -3.26 -20.40
N TYR A 178 -31.50 -4.07 -21.11
CA TYR A 178 -32.90 -3.78 -21.33
C TYR A 178 -33.74 -5.03 -21.11
N PHE A 179 -35.03 -4.81 -20.87
CA PHE A 179 -35.98 -5.86 -20.52
C PHE A 179 -37.23 -5.70 -21.37
N TRP A 180 -37.93 -6.81 -21.58
CA TRP A 180 -39.23 -6.80 -22.25
C TRP A 180 -40.01 -8.02 -21.77
N GLY A 181 -41.23 -8.17 -22.31
CA GLY A 181 -42.07 -9.26 -21.87
C GLY A 181 -43.16 -9.59 -22.87
N VAL A 182 -43.70 -10.79 -22.71
CA VAL A 182 -44.81 -11.27 -23.53
C VAL A 182 -45.93 -11.72 -22.61
N HIS A 183 -47.15 -11.24 -22.88
CA HIS A 183 -48.31 -11.53 -22.05
C HIS A 183 -49.07 -12.73 -22.60
N HIS A 184 -49.38 -13.67 -21.71
CA HIS A 184 -50.15 -14.87 -22.06
C HIS A 184 -51.44 -14.87 -21.25
N PRO A 185 -52.58 -14.53 -21.86
CA PRO A 185 -53.85 -14.54 -21.11
C PRO A 185 -54.33 -15.95 -20.77
N LEU A 186 -55.49 -16.04 -20.12
CA LEU A 186 -56.05 -17.34 -19.74
C LEU A 186 -57.15 -17.81 -20.67
N ASP A 187 -57.84 -16.89 -21.34
CA ASP A 187 -58.91 -17.25 -22.27
C ASP A 187 -58.67 -16.52 -23.59
N THR A 188 -59.28 -17.06 -24.65
CA THR A 188 -59.34 -16.31 -25.89
C THR A 188 -60.19 -15.05 -25.74
N THR A 189 -61.11 -15.04 -24.78
CA THR A 189 -61.87 -13.83 -24.47
C THR A 189 -60.95 -12.74 -23.95
N VAL A 190 -60.06 -13.07 -23.02
CA VAL A 190 -59.16 -12.06 -22.46
C VAL A 190 -58.21 -11.54 -23.53
N GLN A 191 -57.73 -12.43 -24.40
CA GLN A 191 -56.85 -12.00 -25.48
C GLN A 191 -57.58 -11.08 -26.46
N ASP A 192 -58.77 -11.48 -26.89
CA ASP A 192 -59.54 -10.67 -27.83
C ASP A 192 -60.03 -9.37 -27.20
N ASN A 193 -60.09 -9.30 -25.87
CA ASN A 193 -60.48 -8.06 -25.20
C ASN A 193 -59.30 -7.11 -25.05
N LEU A 194 -58.15 -7.63 -24.59
CA LEU A 194 -56.98 -6.78 -24.39
C LEU A 194 -56.29 -6.43 -25.70
N TYR A 195 -56.28 -7.35 -26.66
CA TYR A 195 -55.66 -7.14 -27.96
C TYR A 195 -56.64 -7.53 -29.06
N GLY A 196 -56.25 -7.32 -30.30
CA GLY A 196 -57.11 -7.61 -31.42
C GLY A 196 -57.29 -9.10 -31.64
N SER A 197 -57.84 -9.43 -32.80
CA SER A 197 -58.07 -10.81 -33.20
C SER A 197 -57.08 -11.20 -34.29
N GLY A 198 -56.78 -12.48 -34.36
CA GLY A 198 -55.85 -13.02 -35.33
C GLY A 198 -54.58 -13.51 -34.69
N ASP A 199 -53.62 -13.88 -35.54
CA ASP A 199 -52.34 -14.39 -35.09
C ASP A 199 -51.48 -13.26 -34.56
N LYS A 200 -51.01 -13.39 -33.33
CA LYS A 200 -50.18 -12.39 -32.68
C LYS A 200 -48.74 -12.87 -32.62
N TYR A 201 -47.83 -11.92 -32.39
CA TYR A 201 -46.41 -12.23 -32.28
C TYR A 201 -45.70 -11.05 -31.63
N VAL A 202 -44.55 -11.35 -31.03
CA VAL A 202 -43.68 -10.35 -30.43
C VAL A 202 -42.26 -10.70 -30.85
N ARG A 203 -41.68 -9.89 -31.74
CA ARG A 203 -40.37 -10.20 -32.29
C ARG A 203 -39.42 -9.01 -32.11
N MET A 204 -38.15 -9.34 -31.91
CA MET A 204 -37.12 -8.34 -31.65
C MET A 204 -35.81 -8.83 -32.24
N GLY A 205 -35.00 -7.87 -32.67
CA GLY A 205 -33.74 -8.21 -33.33
C GLY A 205 -32.68 -7.16 -33.08
N THR A 206 -31.43 -7.63 -33.04
CA THR A 206 -30.27 -6.75 -32.98
C THR A 206 -29.24 -7.29 -33.96
N GLU A 207 -28.00 -6.78 -33.87
CA GLU A 207 -26.92 -7.33 -34.67
C GLU A 207 -26.53 -8.74 -34.23
N SER A 208 -26.87 -9.12 -33.00
CA SER A 208 -26.53 -10.45 -32.50
C SER A 208 -27.67 -11.15 -31.77
N MET A 209 -28.77 -10.47 -31.48
CA MET A 209 -29.90 -11.06 -30.76
C MET A 209 -31.05 -11.31 -31.72
N ASN A 210 -31.76 -12.42 -31.50
CA ASN A 210 -32.96 -12.76 -32.25
C ASN A 210 -33.97 -13.32 -31.27
N PHE A 211 -35.16 -12.72 -31.22
CA PHE A 211 -36.20 -13.16 -30.30
C PHE A 211 -37.54 -13.12 -31.02
N ALA A 212 -38.36 -14.14 -30.78
CA ALA A 212 -39.71 -14.18 -31.34
C ALA A 212 -40.56 -15.10 -30.48
N LYS A 213 -41.60 -14.54 -29.88
CA LYS A 213 -42.50 -15.29 -29.02
C LYS A 213 -43.94 -15.13 -29.50
N SER A 214 -44.67 -16.24 -29.51
CA SER A 214 -46.08 -16.30 -29.87
C SER A 214 -46.94 -16.42 -28.61
N PRO A 215 -48.16 -15.88 -28.64
CA PRO A 215 -49.03 -15.97 -27.46
C PRO A 215 -49.45 -17.41 -27.20
N GLU A 216 -49.37 -17.82 -25.94
CA GLU A 216 -49.72 -19.18 -25.51
C GLU A 216 -50.77 -19.05 -24.42
N ILE A 217 -52.03 -19.01 -24.84
CA ILE A 217 -53.15 -18.75 -23.93
C ILE A 217 -53.47 -20.02 -23.15
N ALA A 218 -53.46 -19.91 -21.83
CA ALA A 218 -53.79 -21.03 -20.95
C ALA A 218 -54.18 -20.50 -19.59
N ALA A 219 -55.05 -21.24 -18.91
CA ALA A 219 -55.56 -20.84 -17.60
C ALA A 219 -54.66 -21.44 -16.52
N ARG A 220 -53.64 -20.69 -16.12
CA ARG A 220 -52.74 -21.12 -15.08
C ARG A 220 -53.36 -20.91 -13.70
N PRO A 221 -52.84 -21.57 -12.67
CA PRO A 221 -53.32 -21.29 -11.31
C PRO A 221 -53.13 -19.82 -10.93
N ALA A 222 -54.00 -19.35 -10.05
CA ALA A 222 -54.03 -17.94 -9.70
C ALA A 222 -52.91 -17.59 -8.73
N VAL A 223 -52.09 -16.61 -9.10
CA VAL A 223 -51.06 -16.05 -8.24
C VAL A 223 -51.28 -14.55 -8.17
N ASN A 224 -51.55 -14.04 -6.97
CA ASN A 224 -51.89 -12.62 -6.77
C ASN A 224 -53.09 -12.22 -7.62
N GLY A 225 -54.11 -13.07 -7.65
CA GLY A 225 -55.34 -12.76 -8.34
C GLY A 225 -55.26 -12.77 -9.84
N GLN A 226 -54.21 -13.34 -10.42
CA GLN A 226 -54.03 -13.39 -11.86
C GLN A 226 -53.89 -14.83 -12.33
N ARG A 227 -54.73 -15.21 -13.29
CA ARG A 227 -54.60 -16.50 -13.94
C ARG A 227 -53.82 -16.41 -15.24
N SER A 228 -53.43 -15.21 -15.66
CA SER A 228 -52.59 -15.01 -16.82
C SER A 228 -51.12 -14.97 -16.40
N ARG A 229 -50.23 -14.88 -17.37
CA ARG A 229 -48.80 -14.84 -17.10
C ARG A 229 -48.14 -13.78 -17.96
N ILE A 230 -46.94 -13.38 -17.55
CA ILE A 230 -46.10 -12.48 -18.34
C ILE A 230 -44.69 -13.01 -18.29
N ASP A 231 -44.19 -13.52 -19.41
CA ASP A 231 -42.82 -14.00 -19.50
C ASP A 231 -41.89 -12.81 -19.71
N TYR A 232 -40.95 -12.63 -18.79
CA TYR A 232 -40.00 -11.53 -18.85
C TYR A 232 -38.68 -12.03 -19.45
N TYR A 233 -38.14 -11.26 -20.38
CA TYR A 233 -36.87 -11.56 -21.01
C TYR A 233 -35.97 -10.33 -20.92
N TRP A 234 -34.66 -10.56 -20.94
CA TRP A 234 -33.69 -9.48 -20.79
C TRP A 234 -32.56 -9.68 -21.79
N SER A 235 -31.89 -8.58 -22.12
CA SER A 235 -30.76 -8.63 -23.04
C SER A 235 -29.87 -7.42 -22.79
N VAL A 236 -28.72 -7.41 -23.47
CA VAL A 236 -27.72 -6.35 -23.34
C VAL A 236 -27.34 -5.90 -24.74
N LEU A 237 -27.81 -4.73 -25.13
CA LEU A 237 -27.42 -4.13 -26.41
C LEU A 237 -25.99 -3.60 -26.30
N ARG A 238 -25.10 -4.09 -27.15
CA ARG A 238 -23.70 -3.68 -27.12
C ARG A 238 -23.54 -2.30 -27.75
N PRO A 239 -22.44 -1.60 -27.43
CA PRO A 239 -22.20 -0.29 -28.03
C PRO A 239 -22.08 -0.40 -29.55
N GLY A 240 -22.82 0.45 -30.26
CA GLY A 240 -22.89 0.41 -31.69
C GLY A 240 -23.93 -0.56 -32.25
N GLU A 241 -24.64 -1.27 -31.40
CA GLU A 241 -25.65 -2.23 -31.83
C GLU A 241 -27.03 -1.58 -31.83
N THR A 242 -27.78 -1.83 -32.90
CA THR A 242 -29.13 -1.30 -33.04
C THR A 242 -30.15 -2.35 -32.63
N LEU A 243 -31.29 -1.90 -32.13
CA LEU A 243 -32.37 -2.78 -31.68
C LEU A 243 -33.65 -2.41 -32.41
N ASN A 244 -34.32 -3.43 -32.95
CA ASN A 244 -35.62 -3.28 -33.60
C ASN A 244 -36.64 -4.16 -32.89
N VAL A 245 -37.85 -3.62 -32.70
CA VAL A 245 -38.94 -4.31 -32.04
C VAL A 245 -40.17 -4.22 -32.92
N GLU A 246 -40.89 -5.33 -33.05
CA GLU A 246 -42.12 -5.39 -33.84
C GLU A 246 -43.13 -6.26 -33.13
N SER A 247 -44.40 -5.88 -33.21
CA SER A 247 -45.42 -6.66 -32.52
C SER A 247 -46.78 -6.42 -33.16
N ASN A 248 -47.62 -7.46 -33.10
CA ASN A 248 -49.02 -7.39 -33.45
C ASN A 248 -49.92 -7.52 -32.24
N GLY A 249 -49.36 -7.75 -31.06
CA GLY A 249 -50.13 -7.89 -29.85
C GLY A 249 -49.34 -8.59 -28.77
N ASN A 250 -49.91 -8.57 -27.56
CA ASN A 250 -49.37 -9.27 -26.39
C ASN A 250 -47.97 -8.79 -26.01
N LEU A 251 -47.57 -7.60 -26.44
CA LEU A 251 -46.23 -7.10 -26.19
C LEU A 251 -46.18 -6.26 -24.92
N ILE A 252 -45.23 -6.56 -24.05
CA ILE A 252 -44.83 -5.67 -22.97
C ILE A 252 -43.61 -4.92 -23.48
N ALA A 253 -43.76 -3.62 -23.71
CA ALA A 253 -42.72 -2.85 -24.38
C ALA A 253 -41.73 -2.29 -23.37
N PRO A 254 -40.44 -2.24 -23.73
CA PRO A 254 -39.46 -1.60 -22.86
C PRO A 254 -39.67 -0.11 -22.81
N TRP A 255 -39.52 0.47 -21.62
CA TRP A 255 -39.57 1.92 -21.46
C TRP A 255 -38.27 2.49 -20.94
N TYR A 256 -37.72 1.93 -19.86
CA TYR A 256 -36.47 2.39 -19.29
C TYR A 256 -35.45 1.25 -19.28
N ALA A 257 -34.22 1.59 -19.60
CA ALA A 257 -33.10 0.65 -19.62
C ALA A 257 -31.96 1.22 -18.79
N TYR A 258 -30.87 0.46 -18.68
CA TYR A 258 -29.73 0.84 -17.85
C TYR A 258 -28.46 0.83 -18.69
N LYS A 259 -27.83 2.00 -18.86
CA LYS A 259 -26.47 2.03 -19.37
C LYS A 259 -25.52 1.53 -18.29
N PHE A 260 -24.58 0.67 -18.68
CA PHE A 260 -23.94 -0.23 -17.73
C PHE A 260 -22.43 -0.27 -17.97
N VAL A 261 -21.65 -0.04 -16.92
CA VAL A 261 -20.20 -0.22 -16.96
C VAL A 261 -19.80 -1.14 -15.82
N SER A 262 -18.97 -2.15 -16.14
CA SER A 262 -18.82 -3.33 -15.32
C SER A 262 -17.40 -3.47 -14.76
N LYS A 263 -17.31 -4.23 -13.68
CA LYS A 263 -16.07 -4.72 -13.08
C LYS A 263 -16.45 -5.81 -12.08
N LYS A 264 -15.64 -6.87 -12.04
CA LYS A 264 -16.02 -8.12 -11.38
C LYS A 264 -16.44 -7.89 -9.93
N GLY A 265 -17.57 -8.48 -9.55
CA GLY A 265 -18.09 -8.43 -8.20
C GLY A 265 -18.94 -9.63 -7.87
N ALA A 266 -19.71 -9.57 -6.78
CA ALA A 266 -20.52 -10.70 -6.35
C ALA A 266 -21.80 -10.17 -5.72
N VAL A 267 -22.64 -11.09 -5.24
CA VAL A 267 -23.92 -10.78 -4.64
C VAL A 267 -24.10 -11.63 -3.39
N PHE A 268 -24.55 -11.01 -2.30
CA PHE A 268 -24.68 -11.66 -1.00
C PHE A 268 -26.15 -11.71 -0.60
N LYS A 269 -26.59 -12.87 -0.10
CA LYS A 269 -27.95 -13.07 0.38
C LYS A 269 -27.89 -13.24 1.89
N SER A 270 -27.96 -12.14 2.61
CA SER A 270 -27.91 -12.16 4.06
C SER A 270 -28.74 -11.01 4.62
N ASP A 271 -28.93 -11.02 5.94
CA ASP A 271 -29.72 -10.01 6.62
C ASP A 271 -28.88 -9.10 7.52
N LEU A 272 -27.56 -9.13 7.38
CA LEU A 272 -26.71 -8.29 8.20
C LEU A 272 -26.83 -6.83 7.74
N PRO A 273 -26.71 -5.88 8.67
CA PRO A 273 -26.95 -4.48 8.32
C PRO A 273 -25.74 -3.83 7.64
N ILE A 274 -26.00 -2.68 7.04
CA ILE A 274 -24.97 -1.84 6.43
C ILE A 274 -24.70 -0.67 7.37
N GLU A 275 -23.44 -0.50 7.76
CA GLU A 275 -23.04 0.57 8.66
C GLU A 275 -21.96 1.41 7.98
N ASN A 276 -21.86 2.67 8.41
CA ASN A 276 -20.83 3.57 7.88
C ASN A 276 -19.48 3.10 8.40
N CYS A 277 -18.75 2.38 7.55
CA CYS A 277 -17.50 1.75 7.95
C CYS A 277 -16.59 1.62 6.74
N ASP A 278 -15.31 1.91 6.94
CA ASP A 278 -14.31 1.88 5.88
C ASP A 278 -13.42 0.66 6.07
N ALA A 279 -13.44 -0.25 5.11
CA ALA A 279 -12.65 -1.46 5.16
C ALA A 279 -12.11 -1.79 3.78
N THR A 280 -11.28 -2.82 3.72
CA THR A 280 -10.68 -3.29 2.48
C THR A 280 -10.97 -4.75 2.19
N CYS A 281 -11.78 -5.41 3.02
CA CYS A 281 -12.05 -6.83 2.88
C CYS A 281 -13.43 -7.10 3.45
N GLN A 282 -14.37 -7.51 2.59
CA GLN A 282 -15.77 -7.67 2.98
C GLN A 282 -16.21 -9.10 2.73
N THR A 283 -16.58 -9.80 3.80
CA THR A 283 -17.04 -11.18 3.71
C THR A 283 -18.56 -11.24 3.80
N ILE A 284 -19.10 -12.45 3.61
CA ILE A 284 -20.55 -12.64 3.59
C ILE A 284 -21.15 -12.42 4.97
N THR A 285 -20.43 -12.80 6.05
CA THR A 285 -20.99 -12.76 7.39
C THR A 285 -20.26 -11.74 8.28
N GLY A 286 -19.55 -10.79 7.70
CA GLY A 286 -18.89 -9.77 8.47
C GLY A 286 -17.70 -9.19 7.73
N VAL A 287 -16.79 -8.59 8.50
CA VAL A 287 -15.62 -7.91 7.97
C VAL A 287 -14.38 -8.48 8.64
N LEU A 288 -13.37 -8.78 7.84
CA LEU A 288 -12.07 -9.25 8.33
C LEU A 288 -11.06 -8.13 8.08
N ARG A 289 -10.89 -7.26 9.07
CA ARG A 289 -9.91 -6.17 9.01
C ARG A 289 -8.70 -6.64 9.83
N THR A 290 -7.79 -7.33 9.16
CA THR A 290 -6.66 -7.95 9.84
C THR A 290 -5.49 -8.08 8.87
N ASN A 291 -4.34 -8.46 9.43
CA ASN A 291 -3.15 -8.74 8.64
C ASN A 291 -2.82 -10.22 8.57
N LYS A 292 -3.59 -11.07 9.25
CA LYS A 292 -3.34 -12.50 9.24
C LYS A 292 -3.55 -13.07 7.83
N THR A 293 -2.95 -14.24 7.60
CA THR A 293 -2.97 -14.85 6.28
C THR A 293 -4.11 -15.84 6.09
N PHE A 294 -4.67 -16.38 7.15
CA PHE A 294 -5.76 -17.35 7.06
C PHE A 294 -7.01 -16.82 7.76
N GLN A 295 -8.09 -17.58 7.62
CA GLN A 295 -9.35 -17.29 8.28
C GLN A 295 -10.24 -18.51 8.18
N ASN A 296 -11.29 -18.53 9.00
CA ASN A 296 -12.27 -19.61 9.00
C ASN A 296 -13.69 -19.07 8.94
N VAL A 297 -13.85 -17.80 8.56
CA VAL A 297 -15.17 -17.19 8.55
C VAL A 297 -16.01 -17.72 7.39
N SER A 298 -15.54 -17.52 6.16
CA SER A 298 -16.30 -17.87 4.98
C SER A 298 -15.38 -17.73 3.76
N PRO A 299 -15.70 -18.43 2.66
CA PRO A 299 -14.90 -18.30 1.44
C PRO A 299 -15.34 -17.15 0.54
N LEU A 300 -16.59 -16.71 0.68
CA LEU A 300 -17.13 -15.66 -0.19
C LEU A 300 -16.73 -14.29 0.35
N TRP A 301 -16.07 -13.49 -0.49
CA TRP A 301 -15.64 -12.16 -0.08
C TRP A 301 -15.40 -11.29 -1.31
N ILE A 302 -15.16 -10.01 -1.03
CA ILE A 302 -14.68 -9.05 -2.01
C ILE A 302 -13.53 -8.28 -1.39
N GLY A 303 -12.45 -8.13 -2.14
CA GLY A 303 -11.22 -7.53 -1.66
C GLY A 303 -10.13 -8.57 -1.49
N GLU A 304 -9.06 -8.15 -0.81
CA GLU A 304 -7.92 -9.04 -0.53
C GLU A 304 -8.06 -9.57 0.89
N CYS A 305 -8.91 -10.58 1.03
CA CYS A 305 -9.17 -11.22 2.31
C CYS A 305 -8.27 -12.44 2.50
N PRO A 306 -8.02 -12.84 3.75
CA PRO A 306 -7.24 -14.06 3.98
C PRO A 306 -7.94 -15.29 3.44
N LYS A 307 -7.18 -16.38 3.33
CA LYS A 307 -7.70 -17.62 2.78
C LYS A 307 -8.55 -18.34 3.82
N TYR A 308 -9.67 -18.91 3.35
CA TYR A 308 -10.61 -19.61 4.23
C TYR A 308 -10.18 -21.06 4.38
N VAL A 309 -10.14 -21.53 5.64
CA VAL A 309 -9.73 -22.90 5.95
C VAL A 309 -10.61 -23.44 7.07
N LYS A 310 -10.70 -24.76 7.13
CA LYS A 310 -11.50 -25.45 8.14
C LYS A 310 -10.80 -25.53 9.49
N SER A 311 -9.56 -25.05 9.60
CA SER A 311 -8.81 -25.17 10.84
C SER A 311 -9.37 -24.24 11.91
N GLU A 312 -9.04 -24.55 13.16
CA GLU A 312 -9.41 -23.72 14.30
C GLU A 312 -8.27 -22.82 14.75
N SER A 313 -7.03 -23.29 14.68
CA SER A 313 -5.87 -22.49 15.01
C SER A 313 -4.70 -22.96 14.18
N LEU A 314 -3.89 -22.01 13.70
CA LEU A 314 -2.73 -22.32 12.88
C LEU A 314 -1.47 -21.74 13.52
N ARG A 315 -1.32 -21.96 14.81
CA ARG A 315 -0.19 -21.43 15.56
C ARG A 315 1.12 -22.04 15.07
N LEU A 316 2.07 -21.17 14.75
CA LEU A 316 3.44 -21.58 14.43
C LEU A 316 4.32 -21.32 15.65
N ALA A 317 5.07 -22.35 16.06
CA ALA A 317 6.01 -22.22 17.16
C ALA A 317 7.26 -21.54 16.65
N THR A 318 7.50 -20.31 17.10
CA THR A 318 8.69 -19.57 16.70
C THR A 318 9.82 -19.71 17.70
N GLY A 319 9.50 -19.90 18.97
CA GLY A 319 10.49 -20.13 20.01
C GLY A 319 10.73 -21.60 20.26
N LEU A 320 11.07 -21.90 21.51
CA LEU A 320 11.40 -23.25 21.96
C LEU A 320 10.45 -23.70 23.07
N ARG A 321 10.67 -24.93 23.54
CA ARG A 321 9.85 -25.50 24.59
C ARG A 321 10.01 -24.71 25.89
N ASN A 322 8.88 -24.34 26.49
CA ASN A 322 8.88 -23.54 27.71
C ASN A 322 8.92 -24.47 28.92
N VAL A 323 10.10 -24.58 29.53
CA VAL A 323 10.28 -25.40 30.73
C VAL A 323 10.88 -24.53 31.83
N PRO A 324 10.06 -23.84 32.61
CA PRO A 324 10.59 -22.98 33.67
C PRO A 324 10.91 -23.78 34.93
N GLN A 325 11.63 -23.12 35.83
CA GLN A 325 12.00 -23.71 37.12
C GLN A 325 11.42 -22.92 38.28
N GLY B 1 14.84 -35.37 24.35
CA GLY B 1 14.36 -35.01 23.04
C GLY B 1 15.16 -35.64 21.91
N ILE B 2 15.27 -34.92 20.79
CA ILE B 2 16.02 -35.43 19.65
C ILE B 2 17.51 -35.18 19.82
N PHE B 3 17.89 -33.94 20.13
CA PHE B 3 19.29 -33.61 20.40
C PHE B 3 19.63 -33.68 21.88
N GLY B 4 18.64 -33.90 22.76
CA GLY B 4 18.89 -34.06 24.17
C GLY B 4 19.20 -32.80 24.94
N ALA B 5 19.26 -31.64 24.28
CA ALA B 5 19.59 -30.41 24.97
C ALA B 5 18.39 -29.86 25.74
N ILE B 6 17.32 -29.53 25.02
CA ILE B 6 16.11 -29.00 25.64
C ILE B 6 15.31 -30.15 26.23
N ALA B 7 14.96 -30.03 27.51
CA ALA B 7 14.23 -31.05 28.25
C ALA B 7 15.00 -32.38 28.28
N GLY B 8 16.31 -32.30 28.15
CA GLY B 8 17.16 -33.48 28.21
C GLY B 8 18.21 -33.39 29.31
N PHE B 9 19.49 -33.43 28.93
CA PHE B 9 20.53 -33.26 29.94
C PHE B 9 20.59 -31.84 30.51
N ILE B 10 19.86 -30.90 29.92
CA ILE B 10 19.59 -29.60 30.52
C ILE B 10 18.09 -29.57 30.78
N GLU B 11 17.69 -29.95 31.99
CA GLU B 11 16.28 -30.22 32.26
C GLU B 11 15.43 -28.96 32.18
N GLY B 12 15.79 -27.93 32.92
CA GLY B 12 14.97 -26.74 33.07
C GLY B 12 15.57 -25.53 32.38
N GLY B 13 14.69 -24.66 31.89
CA GLY B 13 15.13 -23.39 31.34
C GLY B 13 15.29 -22.34 32.42
N TRP B 14 15.88 -21.21 32.03
CA TRP B 14 16.20 -20.13 32.96
C TRP B 14 15.18 -19.03 32.79
N THR B 15 14.28 -18.90 33.77
CA THR B 15 13.27 -17.85 33.74
C THR B 15 13.86 -16.45 33.85
N GLY B 16 15.12 -16.34 34.28
CA GLY B 16 15.74 -15.06 34.48
C GLY B 16 16.33 -14.45 33.22
N MET B 17 16.96 -15.27 32.38
CA MET B 17 17.60 -14.76 31.17
C MET B 17 16.54 -14.23 30.21
N ILE B 18 16.49 -12.91 30.07
CA ILE B 18 15.59 -12.26 29.13
C ILE B 18 16.37 -11.41 28.12
N ASP B 19 17.66 -11.72 27.95
CA ASP B 19 18.51 -11.02 27.01
C ASP B 19 18.68 -11.77 25.69
N GLY B 20 18.05 -12.92 25.54
CA GLY B 20 18.17 -13.70 24.33
C GLY B 20 17.58 -15.08 24.51
N TRP B 21 17.68 -15.87 23.43
CA TRP B 21 17.14 -17.22 23.44
C TRP B 21 18.11 -18.19 24.11
N TYR B 22 19.30 -18.35 23.53
CA TYR B 22 20.33 -19.22 24.08
C TYR B 22 21.42 -18.35 24.71
N GLY B 23 21.85 -18.74 25.91
CA GLY B 23 22.88 -17.98 26.59
C GLY B 23 23.50 -18.79 27.72
N TYR B 24 24.49 -18.19 28.36
CA TYR B 24 25.22 -18.79 29.45
C TYR B 24 24.76 -18.20 30.79
N HIS B 25 25.18 -18.85 31.86
CA HIS B 25 24.99 -18.34 33.22
C HIS B 25 26.25 -18.66 34.01
N HIS B 26 26.89 -17.63 34.56
CA HIS B 26 28.12 -17.82 35.31
C HIS B 26 27.99 -17.18 36.68
N GLU B 27 28.55 -17.84 37.69
CA GLU B 27 28.45 -17.41 39.08
C GLU B 27 29.76 -17.73 39.78
N ASN B 28 30.57 -16.72 40.06
CA ASN B 28 31.78 -16.83 40.86
C ASN B 28 31.81 -15.67 41.85
N SER B 29 32.83 -15.68 42.72
CA SER B 29 32.97 -14.61 43.70
C SER B 29 33.14 -13.24 43.05
N GLN B 30 33.51 -13.21 41.76
CA GLN B 30 33.64 -11.94 41.05
C GLN B 30 32.28 -11.39 40.61
N GLY B 31 31.29 -12.26 40.43
CA GLY B 31 29.98 -11.81 39.98
C GLY B 31 29.16 -12.99 39.51
N SER B 32 27.86 -12.74 39.39
CA SER B 32 26.91 -13.78 39.01
C SER B 32 25.88 -13.21 38.05
N GLY B 33 25.34 -14.08 37.21
CA GLY B 33 24.25 -13.69 36.34
C GLY B 33 24.25 -14.48 35.05
N TYR B 34 23.17 -14.28 34.30
CA TYR B 34 22.99 -14.83 32.96
C TYR B 34 23.45 -13.81 31.92
N ALA B 35 23.74 -14.32 30.72
CA ALA B 35 24.16 -13.49 29.61
C ALA B 35 23.90 -14.24 28.31
N ALA B 36 23.05 -13.68 27.46
CA ALA B 36 22.69 -14.37 26.23
C ALA B 36 23.85 -14.37 25.24
N ASP B 37 23.75 -15.25 24.25
CA ASP B 37 24.72 -15.33 23.16
C ASP B 37 24.13 -14.57 21.98
N ARG B 38 24.83 -13.52 21.54
CA ARG B 38 24.29 -12.64 20.50
C ARG B 38 24.18 -13.34 19.17
N GLU B 39 25.26 -14.00 18.72
CA GLU B 39 25.31 -14.51 17.35
C GLU B 39 24.34 -15.67 17.15
N SER B 40 24.33 -16.63 18.08
CA SER B 40 23.47 -17.80 17.91
C SER B 40 22.00 -17.42 18.00
N THR B 41 21.64 -16.58 18.97
CA THR B 41 20.25 -16.14 19.10
C THR B 41 19.82 -15.34 17.88
N GLN B 42 20.68 -14.45 17.39
CA GLN B 42 20.33 -13.66 16.21
C GLN B 42 20.19 -14.54 14.98
N LYS B 43 21.04 -15.56 14.84
CA LYS B 43 20.93 -16.46 13.70
C LYS B 43 19.65 -17.28 13.77
N ALA B 44 19.29 -17.78 14.95
CA ALA B 44 18.04 -18.52 15.09
C ALA B 44 16.84 -17.62 14.80
N ILE B 45 16.88 -16.37 15.28
CA ILE B 45 15.78 -15.45 15.02
C ILE B 45 15.68 -15.13 13.54
N ASP B 46 16.82 -14.98 12.86
CA ASP B 46 16.81 -14.74 11.42
C ASP B 46 16.21 -15.94 10.68
N GLY B 47 16.61 -17.15 11.06
CA GLY B 47 16.03 -18.33 10.42
C GLY B 47 14.53 -18.43 10.62
N ILE B 48 14.08 -18.20 11.85
CA ILE B 48 12.64 -18.28 12.14
C ILE B 48 11.88 -17.18 11.40
N THR B 49 12.44 -15.97 11.34
CA THR B 49 11.79 -14.87 10.64
C THR B 49 11.67 -15.17 9.16
N ASN B 50 12.73 -15.70 8.54
CA ASN B 50 12.67 -16.04 7.13
C ASN B 50 11.68 -17.18 6.89
N LYS B 51 11.64 -18.16 7.81
CA LYS B 51 10.67 -19.24 7.68
C LYS B 51 9.25 -18.72 7.69
N VAL B 52 8.92 -17.88 8.67
CA VAL B 52 7.57 -17.35 8.77
C VAL B 52 7.24 -16.46 7.58
N ASN B 53 8.21 -15.64 7.15
CA ASN B 53 7.97 -14.74 6.02
C ASN B 53 7.70 -15.54 4.75
N SER B 54 8.49 -16.59 4.49
CA SER B 54 8.26 -17.41 3.31
C SER B 54 6.94 -18.16 3.41
N ILE B 55 6.59 -18.63 4.60
CA ILE B 55 5.33 -19.35 4.78
C ILE B 55 4.15 -18.44 4.46
N ILE B 56 4.20 -17.19 4.92
CA ILE B 56 3.11 -16.28 4.64
C ILE B 56 3.13 -15.79 3.19
N ASN B 57 4.33 -15.69 2.60
CA ASN B 57 4.43 -15.23 1.22
C ASN B 57 3.87 -16.26 0.25
N LYS B 58 4.28 -17.52 0.39
CA LYS B 58 3.81 -18.56 -0.52
C LYS B 58 2.34 -18.91 -0.30
N MET B 59 1.72 -18.40 0.76
CA MET B 59 0.32 -18.66 1.06
C MET B 59 -0.59 -17.48 0.74
N ASN B 60 -0.02 -16.36 0.29
CA ASN B 60 -0.83 -15.18 0.01
C ASN B 60 -1.74 -15.36 -1.20
N THR B 61 -1.45 -16.32 -2.07
CA THR B 61 -2.28 -16.56 -3.23
C THR B 61 -3.68 -16.98 -2.80
N GLN B 62 -4.66 -16.11 -3.02
CA GLN B 62 -6.03 -16.35 -2.58
C GLN B 62 -6.81 -17.08 -3.66
N PHE B 63 -7.59 -18.08 -3.25
CA PHE B 63 -8.48 -18.82 -4.14
C PHE B 63 -9.86 -18.19 -4.01
N GLU B 64 -10.26 -17.40 -5.01
CA GLU B 64 -11.54 -16.73 -4.98
C GLU B 64 -12.66 -17.69 -5.39
N ALA B 65 -13.76 -17.64 -4.65
CA ALA B 65 -14.89 -18.54 -4.91
C ALA B 65 -16.14 -17.93 -4.32
N VAL B 66 -17.14 -17.68 -5.18
CA VAL B 66 -18.46 -17.21 -4.74
C VAL B 66 -19.50 -18.18 -5.28
N ASP B 67 -20.59 -18.33 -4.52
CA ASP B 67 -21.66 -19.26 -4.89
C ASP B 67 -22.69 -18.52 -5.73
N HIS B 68 -22.62 -18.70 -7.03
CA HIS B 68 -23.64 -18.14 -7.92
C HIS B 68 -24.97 -18.85 -7.72
N GLU B 69 -26.05 -18.17 -8.06
CA GLU B 69 -27.37 -18.77 -7.96
C GLU B 69 -27.53 -19.85 -9.01
N PHE B 70 -28.07 -20.99 -8.59
CA PHE B 70 -28.32 -22.13 -9.48
C PHE B 70 -29.80 -22.47 -9.44
N SER B 71 -30.37 -22.72 -10.61
CA SER B 71 -31.81 -22.83 -10.77
C SER B 71 -32.31 -24.19 -10.29
N ASN B 72 -33.59 -24.47 -10.55
CA ASN B 72 -34.16 -25.79 -10.27
C ASN B 72 -33.57 -26.83 -11.20
N LEU B 73 -33.25 -26.46 -12.44
CA LEU B 73 -32.71 -27.38 -13.43
C LEU B 73 -31.18 -27.27 -13.54
N GLU B 74 -30.52 -26.77 -12.50
CA GLU B 74 -29.07 -26.65 -12.46
C GLU B 74 -28.52 -27.37 -11.24
N ARG B 75 -29.14 -28.50 -10.89
CA ARG B 75 -28.66 -29.31 -9.77
C ARG B 75 -27.26 -29.84 -10.04
N ARG B 76 -26.98 -30.22 -11.29
CA ARG B 76 -25.68 -30.81 -11.61
C ARG B 76 -24.56 -29.78 -11.52
N ILE B 77 -24.77 -28.59 -12.08
CA ILE B 77 -23.76 -27.54 -12.00
C ILE B 77 -23.57 -27.11 -10.54
N GLY B 78 -24.66 -27.08 -9.77
CA GLY B 78 -24.53 -26.76 -8.36
C GLY B 78 -23.72 -27.78 -7.60
N ASN B 79 -23.96 -29.07 -7.87
CA ASN B 79 -23.18 -30.12 -7.22
C ASN B 79 -21.72 -30.05 -7.64
N LEU B 80 -21.45 -29.73 -8.91
CA LEU B 80 -20.08 -29.58 -9.37
C LEU B 80 -19.38 -28.44 -8.65
N ASN B 81 -20.06 -27.30 -8.53
CA ASN B 81 -19.51 -26.16 -7.80
C ASN B 81 -19.22 -26.53 -6.35
N LYS B 82 -20.19 -27.19 -5.70
CA LYS B 82 -20.01 -27.58 -4.31
C LYS B 82 -18.83 -28.52 -4.14
N ARG B 83 -18.72 -29.52 -5.01
CA ARG B 83 -17.62 -30.48 -4.90
C ARG B 83 -16.27 -29.81 -5.14
N MET B 84 -16.20 -28.91 -6.13
CA MET B 84 -14.95 -28.22 -6.41
C MET B 84 -14.52 -27.36 -5.21
N GLU B 85 -15.44 -26.55 -4.69
CA GLU B 85 -15.10 -25.67 -3.58
C GLU B 85 -14.75 -26.47 -2.33
N ASP B 86 -15.49 -27.56 -2.06
CA ASP B 86 -15.20 -28.38 -0.88
C ASP B 86 -13.85 -29.08 -1.02
N GLY B 87 -13.53 -29.56 -2.22
CA GLY B 87 -12.23 -30.17 -2.42
C GLY B 87 -11.08 -29.18 -2.24
N PHE B 88 -11.24 -27.97 -2.78
CA PHE B 88 -10.21 -26.96 -2.58
C PHE B 88 -10.06 -26.59 -1.11
N LEU B 89 -11.18 -26.49 -0.39
CA LEU B 89 -11.12 -26.20 1.04
C LEU B 89 -10.40 -27.31 1.79
N ASP B 90 -10.74 -28.57 1.49
CA ASP B 90 -10.08 -29.69 2.15
C ASP B 90 -8.58 -29.69 1.87
N VAL B 91 -8.20 -29.45 0.61
CA VAL B 91 -6.78 -29.46 0.25
C VAL B 91 -6.04 -28.36 1.00
N TRP B 92 -6.57 -27.14 0.99
CA TRP B 92 -5.90 -26.03 1.65
C TRP B 92 -5.82 -26.26 3.15
N THR B 93 -6.90 -26.74 3.77
CA THR B 93 -6.90 -26.98 5.21
C THR B 93 -5.86 -28.04 5.58
N TYR B 94 -5.86 -29.17 4.87
CA TYR B 94 -4.89 -30.22 5.15
C TYR B 94 -3.46 -29.71 4.98
N ASN B 95 -3.19 -29.02 3.87
CA ASN B 95 -1.85 -28.50 3.63
C ASN B 95 -1.40 -27.59 4.76
N ALA B 96 -2.24 -26.62 5.12
CA ALA B 96 -1.87 -25.65 6.16
C ALA B 96 -1.65 -26.34 7.50
N GLU B 97 -2.55 -27.24 7.89
CA GLU B 97 -2.45 -27.87 9.20
C GLU B 97 -1.21 -28.75 9.30
N LEU B 98 -0.97 -29.59 8.29
CA LEU B 98 0.18 -30.47 8.35
C LEU B 98 1.50 -29.70 8.22
N LEU B 99 1.50 -28.62 7.43
CA LEU B 99 2.68 -27.76 7.39
C LEU B 99 2.95 -27.14 8.76
N VAL B 100 1.90 -26.67 9.43
CA VAL B 100 2.07 -26.10 10.77
C VAL B 100 2.70 -27.13 11.71
N LEU B 101 2.16 -28.36 11.69
CA LEU B 101 2.68 -29.40 12.59
C LEU B 101 4.15 -29.69 12.30
N LEU B 102 4.48 -29.97 11.03
CA LEU B 102 5.85 -30.33 10.68
C LEU B 102 6.82 -29.18 10.96
N GLU B 103 6.37 -27.94 10.72
CA GLU B 103 7.25 -26.80 10.92
C GLU B 103 7.52 -26.56 12.40
N ASN B 104 6.49 -26.71 13.25
CA ASN B 104 6.73 -26.62 14.68
C ASN B 104 7.69 -27.71 15.14
N GLU B 105 7.52 -28.94 14.63
CA GLU B 105 8.44 -30.02 14.96
C GLU B 105 9.87 -29.65 14.66
N ARG B 106 10.16 -29.34 13.39
CA ARG B 106 11.53 -29.06 13.00
C ARG B 106 12.06 -27.76 13.61
N THR B 107 11.17 -26.83 13.98
CA THR B 107 11.61 -25.61 14.64
C THR B 107 12.11 -25.89 16.05
N LEU B 108 11.33 -26.65 16.84
CA LEU B 108 11.79 -27.02 18.17
C LEU B 108 13.07 -27.84 18.09
N ASP B 109 13.16 -28.72 17.08
CA ASP B 109 14.40 -29.48 16.88
C ASP B 109 15.57 -28.55 16.59
N LEU B 110 15.36 -27.53 15.76
CA LEU B 110 16.43 -26.57 15.48
C LEU B 110 16.84 -25.81 16.74
N HIS B 111 15.87 -25.46 17.59
CA HIS B 111 16.19 -24.76 18.84
C HIS B 111 17.09 -25.61 19.73
N ASP B 112 16.68 -26.85 20.00
CA ASP B 112 17.53 -27.69 20.86
C ASP B 112 18.85 -28.03 20.19
N ALA B 113 18.88 -28.07 18.86
CA ALA B 113 20.15 -28.28 18.15
C ALA B 113 21.08 -27.09 18.34
N ASN B 114 20.55 -25.87 18.32
CA ASN B 114 21.37 -24.70 18.60
C ASN B 114 21.91 -24.74 20.03
N VAL B 115 21.07 -25.14 20.98
CA VAL B 115 21.54 -25.26 22.36
C VAL B 115 22.69 -26.26 22.46
N LYS B 116 22.52 -27.44 21.84
CA LYS B 116 23.56 -28.45 21.89
C LYS B 116 24.82 -28.00 21.18
N ASN B 117 24.67 -27.24 20.09
CA ASN B 117 25.84 -26.73 19.37
C ASN B 117 26.62 -25.76 20.21
N LEU B 118 25.93 -24.86 20.92
CA LEU B 118 26.62 -23.94 21.83
C LEU B 118 27.35 -24.71 22.93
N TYR B 119 26.68 -25.72 23.51
CA TYR B 119 27.31 -26.52 24.55
C TYR B 119 28.55 -27.23 24.02
N GLU B 120 28.48 -27.79 22.81
CA GLU B 120 29.62 -28.51 22.25
C GLU B 120 30.75 -27.56 21.85
N LYS B 121 30.42 -26.34 21.46
CA LYS B 121 31.47 -25.34 21.22
C LYS B 121 32.22 -25.04 22.52
N VAL B 122 31.48 -24.80 23.60
CA VAL B 122 32.13 -24.57 24.90
C VAL B 122 32.95 -25.79 25.31
N LYS B 123 32.47 -27.00 24.97
CA LYS B 123 33.21 -28.21 25.29
C LYS B 123 34.52 -28.27 24.51
N SER B 124 34.46 -28.01 23.20
CA SER B 124 35.65 -28.10 22.36
C SER B 124 36.67 -27.02 22.71
N GLN B 125 36.22 -25.88 23.24
CA GLN B 125 37.19 -24.86 23.65
C GLN B 125 37.86 -25.19 24.98
N LEU B 126 37.29 -26.10 25.77
CA LEU B 126 37.82 -26.42 27.09
C LEU B 126 38.16 -27.90 27.21
N ARG B 127 38.91 -28.43 26.23
CA ARG B 127 39.21 -29.85 26.12
C ARG B 127 39.56 -30.51 27.46
N ASP B 128 40.59 -30.00 28.14
CA ASP B 128 40.99 -30.57 29.43
C ASP B 128 41.18 -29.52 30.51
N ASN B 129 40.92 -28.23 30.23
CA ASN B 129 41.02 -27.19 31.24
C ASN B 129 39.77 -27.09 32.10
N ALA B 130 38.78 -27.94 31.88
CA ALA B 130 37.54 -27.88 32.63
C ALA B 130 36.85 -29.23 32.62
N ASN B 131 36.24 -29.58 33.74
CA ASN B 131 35.44 -30.80 33.86
C ASN B 131 34.00 -30.53 33.43
N ASP B 132 33.32 -31.58 33.01
CA ASP B 132 31.94 -31.50 32.55
C ASP B 132 31.02 -32.23 33.51
N LEU B 133 29.81 -31.72 33.66
CA LEU B 133 28.77 -32.32 34.48
C LEU B 133 27.64 -32.83 33.59
N GLY B 134 26.60 -33.37 34.22
CA GLY B 134 25.47 -33.89 33.48
C GLY B 134 24.34 -32.90 33.36
N ASN B 135 24.66 -31.60 33.42
CA ASN B 135 23.64 -30.55 33.36
C ASN B 135 24.08 -29.43 32.41
N GLY B 136 24.95 -29.73 31.46
CA GLY B 136 25.41 -28.73 30.52
C GLY B 136 26.26 -27.64 31.12
N CYS B 137 26.78 -27.85 32.33
CA CYS B 137 27.60 -26.87 33.02
C CYS B 137 29.05 -27.33 33.05
N PHE B 138 29.97 -26.39 32.88
CA PHE B 138 31.40 -26.66 32.89
C PHE B 138 32.03 -26.09 34.15
N GLU B 139 32.88 -26.89 34.78
CA GLU B 139 33.60 -26.51 36.00
C GLU B 139 35.06 -26.31 35.63
N PHE B 140 35.47 -25.05 35.51
CA PHE B 140 36.87 -24.75 35.19
C PHE B 140 37.79 -25.34 36.25
N TRP B 141 38.86 -25.98 35.80
CA TRP B 141 39.84 -26.52 36.74
C TRP B 141 40.64 -25.39 37.38
N HIS B 142 41.13 -24.47 36.56
CA HIS B 142 41.68 -23.21 37.04
C HIS B 142 40.59 -22.15 37.01
N LYS B 143 40.54 -21.33 38.04
CA LYS B 143 39.51 -20.30 38.12
C LYS B 143 39.72 -19.25 37.03
N CYS B 144 38.67 -19.00 36.24
CA CYS B 144 38.73 -18.01 35.18
C CYS B 144 38.25 -16.64 35.65
N ASP B 145 38.93 -15.60 35.19
CA ASP B 145 38.47 -14.23 35.39
C ASP B 145 37.27 -13.96 34.48
N ASN B 146 36.62 -12.82 34.74
CA ASN B 146 35.50 -12.41 33.88
C ASN B 146 35.97 -12.15 32.45
N GLU B 147 37.22 -11.74 32.27
CA GLU B 147 37.76 -11.58 30.93
C GLU B 147 37.89 -12.93 30.23
N CYS B 148 38.31 -13.97 30.94
CA CYS B 148 38.28 -15.31 30.36
C CYS B 148 36.85 -15.72 30.07
N MET B 149 35.91 -15.31 30.92
CA MET B 149 34.50 -15.63 30.69
C MET B 149 34.03 -15.06 29.36
N GLU B 150 34.34 -13.80 29.09
CA GLU B 150 33.98 -13.23 27.80
C GLU B 150 34.74 -13.91 26.66
N SER B 151 36.04 -14.18 26.85
CA SER B 151 36.82 -14.88 25.84
C SER B 151 36.22 -16.24 25.50
N VAL B 152 35.47 -16.84 26.42
CA VAL B 152 34.72 -18.05 26.10
C VAL B 152 33.40 -17.70 25.43
N LYS B 153 32.77 -16.61 25.86
CA LYS B 153 31.52 -16.18 25.23
C LYS B 153 31.73 -15.83 23.77
N ASN B 154 32.76 -15.04 23.48
CA ASN B 154 33.07 -14.67 22.10
C ASN B 154 33.74 -15.79 21.33
N GLY B 155 34.25 -16.81 22.02
CA GLY B 155 34.93 -17.91 21.37
C GLY B 155 36.40 -17.71 21.14
N THR B 156 37.00 -16.65 21.70
CA THR B 156 38.42 -16.38 21.55
C THR B 156 39.23 -16.89 22.74
N TYR B 157 38.79 -17.96 23.38
CA TYR B 157 39.50 -18.52 24.53
C TYR B 157 40.86 -19.03 24.09
N ASP B 158 41.90 -18.66 24.85
CA ASP B 158 43.27 -19.02 24.54
C ASP B 158 43.67 -20.23 25.40
N TYR B 159 44.01 -21.34 24.75
CA TYR B 159 44.33 -22.57 25.45
C TYR B 159 45.74 -22.60 26.05
N PRO B 160 46.80 -22.27 25.30
CA PRO B 160 48.15 -22.36 25.88
C PRO B 160 48.40 -21.37 27.01
N LYS B 161 47.53 -20.37 27.19
CA LYS B 161 47.70 -19.44 28.31
C LYS B 161 47.38 -20.10 29.64
N TYR B 162 46.50 -21.09 29.65
CA TYR B 162 46.07 -21.75 30.88
C TYR B 162 46.36 -23.25 30.89
N GLN B 163 47.08 -23.76 29.89
CA GLN B 163 47.33 -25.20 29.81
C GLN B 163 48.04 -25.71 31.06
N LYS B 164 49.25 -25.20 31.33
CA LYS B 164 50.00 -25.64 32.49
C LYS B 164 49.32 -25.29 33.79
N GLU B 165 48.62 -24.15 33.84
CA GLU B 165 47.91 -23.74 35.05
C GLU B 165 46.84 -24.76 35.43
N SER B 166 46.00 -25.13 34.46
CA SER B 166 44.97 -26.14 34.73
C SER B 166 45.60 -27.50 34.98
N LYS B 167 46.68 -27.83 34.27
CA LYS B 167 47.36 -29.10 34.48
C LYS B 167 47.89 -29.23 35.90
N LEU B 168 48.32 -28.12 36.49
CA LEU B 168 48.80 -28.14 37.87
C LEU B 168 47.64 -28.14 38.86
N ASN B 169 46.63 -27.29 38.64
CA ASN B 169 45.53 -27.15 39.57
C ASN B 169 44.53 -28.30 39.51
N ARG B 170 44.66 -29.21 38.54
CA ARG B 170 43.61 -30.20 38.32
C ARG B 170 43.67 -31.36 39.29
N GLN B 171 44.84 -31.69 39.83
CA GLN B 171 44.95 -32.89 40.65
C GLN B 171 44.49 -32.64 42.09
N GLY B 172 44.88 -31.52 42.67
CA GLY B 172 44.50 -31.19 44.03
C GLY B 172 43.02 -30.88 44.18
N GLN C 1 1.50 2.11 5.66
CA GLN C 1 1.93 3.15 6.58
C GLN C 1 1.08 3.15 7.84
N VAL C 2 1.56 3.82 8.89
CA VAL C 2 0.86 3.95 10.15
C VAL C 2 0.88 5.41 10.59
N GLN C 3 0.24 5.69 11.72
CA GLN C 3 0.05 7.07 12.16
C GLN C 3 1.36 7.64 12.73
N LEU C 4 1.71 8.84 12.27
CA LEU C 4 2.94 9.49 12.71
C LEU C 4 2.72 10.99 12.78
N LEU C 5 3.49 11.65 13.65
CA LEU C 5 3.51 13.11 13.71
C LEU C 5 4.79 13.53 14.42
N GLU C 6 5.21 14.76 14.15
CA GLU C 6 6.47 15.29 14.65
C GLU C 6 6.20 16.52 15.53
N SER C 7 7.27 17.06 16.10
CA SER C 7 7.17 18.26 16.94
C SER C 7 8.57 18.85 17.12
N GLY C 8 8.68 20.17 16.94
CA GLY C 8 9.93 20.88 17.09
C GLY C 8 10.57 21.32 15.79
N GLY C 9 10.03 20.91 14.65
CA GLY C 9 10.62 21.27 13.38
C GLY C 9 10.46 22.73 13.03
N GLY C 10 11.22 23.16 12.03
CA GLY C 10 11.20 24.53 11.58
C GLY C 10 12.58 25.10 11.33
N VAL C 11 12.83 26.29 11.86
CA VAL C 11 14.12 26.96 11.72
C VAL C 11 14.55 27.44 13.09
N VAL C 12 15.61 26.83 13.63
CA VAL C 12 16.14 27.19 14.94
C VAL C 12 17.44 27.94 14.75
N GLN C 13 17.77 28.80 15.72
CA GLN C 13 18.96 29.61 15.65
C GLN C 13 20.18 28.84 16.16
N PRO C 14 21.37 29.13 15.64
CA PRO C 14 22.58 28.43 16.10
C PRO C 14 22.97 28.86 17.50
N GLY C 15 23.90 28.10 18.09
CA GLY C 15 24.41 28.37 19.40
C GLY C 15 23.49 28.01 20.55
N ARG C 16 22.18 27.89 20.29
CA ARG C 16 21.22 27.55 21.32
C ARG C 16 21.15 26.04 21.50
N SER C 17 20.14 25.56 22.21
CA SER C 17 19.91 24.14 22.42
C SER C 17 18.62 23.73 21.71
N LEU C 18 18.62 22.52 21.14
CA LEU C 18 17.45 22.00 20.44
C LEU C 18 16.77 20.92 21.26
N ARG C 19 15.45 20.83 21.11
CA ARG C 19 14.63 19.81 21.75
C ARG C 19 13.54 19.42 20.77
N LEU C 20 13.74 18.30 20.08
CA LEU C 20 12.81 17.80 19.08
C LEU C 20 12.09 16.57 19.64
N SER C 21 11.05 16.13 18.92
CA SER C 21 10.32 14.95 19.34
C SER C 21 9.43 14.48 18.21
N CYS C 22 8.96 13.24 18.34
CA CYS C 22 7.99 12.67 17.40
C CYS C 22 7.15 11.63 18.13
N ALA C 23 5.87 11.56 17.76
CA ALA C 23 4.92 10.64 18.37
C ALA C 23 4.21 9.87 17.27
N ALA C 24 4.15 8.56 17.42
CA ALA C 24 3.49 7.68 16.46
C ALA C 24 2.33 6.96 17.14
N SER C 25 1.50 6.33 16.32
CA SER C 25 0.34 5.59 16.79
C SER C 25 -0.19 4.73 15.65
N GLY C 26 -1.19 3.92 15.98
CA GLY C 26 -1.73 2.94 15.06
C GLY C 26 -1.82 1.58 15.73
N PHE C 27 -0.83 1.27 16.56
CA PHE C 27 -0.85 0.09 17.42
C PHE C 27 0.13 0.32 18.56
N THR C 28 0.50 -0.75 19.26
CA THR C 28 1.39 -0.63 20.40
C THR C 28 2.74 -0.05 19.99
N PHE C 29 3.30 0.77 20.87
CA PHE C 29 4.60 1.39 20.64
C PHE C 29 5.58 1.19 21.80
N SER C 30 5.11 0.79 22.98
CA SER C 30 5.93 0.67 24.18
C SER C 30 6.79 -0.59 24.20
N ASN C 31 6.96 -1.27 23.06
CA ASN C 31 7.70 -2.52 23.05
C ASN C 31 8.66 -2.63 21.87
N TYR C 32 9.05 -1.51 21.27
CA TYR C 32 9.95 -1.53 20.11
C TYR C 32 11.06 -0.50 20.28
N GLY C 33 12.24 -0.85 19.78
CA GLY C 33 13.37 0.06 19.79
C GLY C 33 13.35 0.95 18.57
N MET C 34 13.47 2.25 18.79
CA MET C 34 13.36 3.23 17.73
C MET C 34 14.73 3.80 17.35
N HIS C 35 14.76 4.42 16.18
CA HIS C 35 15.99 4.93 15.58
C HIS C 35 15.84 6.40 15.25
N TRP C 36 16.98 7.10 15.21
CA TRP C 36 17.06 8.48 14.73
C TRP C 36 18.19 8.54 13.72
N VAL C 37 17.88 8.96 12.50
CA VAL C 37 18.86 9.01 11.42
C VAL C 37 18.91 10.42 10.84
N ARG C 38 20.01 10.72 10.16
CA ARG C 38 20.26 12.04 9.57
C ARG C 38 20.24 11.95 8.06
N GLN C 39 20.04 13.10 7.42
CA GLN C 39 20.12 13.22 5.97
C GLN C 39 20.61 14.63 5.65
N ALA C 40 21.84 14.73 5.16
CA ALA C 40 22.33 16.01 4.70
C ALA C 40 21.52 16.48 3.48
N PRO C 41 21.19 17.76 3.39
CA PRO C 41 20.39 18.23 2.24
C PRO C 41 21.10 17.94 0.93
N GLY C 42 20.38 17.25 0.04
CA GLY C 42 20.99 16.77 -1.18
C GLY C 42 21.36 15.30 -1.10
N LYS C 43 22.63 15.01 -0.84
CA LYS C 43 23.15 13.65 -0.82
C LYS C 43 23.78 13.35 0.54
N GLY C 44 23.44 12.19 1.11
CA GLY C 44 24.13 11.74 2.32
C GLY C 44 23.21 11.44 3.49
N LEU C 45 23.42 10.26 4.08
CA LEU C 45 22.78 9.88 5.33
C LEU C 45 23.83 9.47 6.35
N GLU C 46 23.43 9.46 7.61
CA GLU C 46 24.32 9.04 8.70
C GLU C 46 23.45 8.76 9.92
N TRP C 47 23.54 7.54 10.44
CA TRP C 47 22.72 7.17 11.60
C TRP C 47 23.14 8.00 12.82
N VAL C 48 22.18 8.28 13.69
CA VAL C 48 22.42 9.18 14.81
C VAL C 48 22.21 8.50 16.16
N ALA C 49 20.99 8.05 16.44
CA ALA C 49 20.65 7.67 17.80
C ALA C 49 19.81 6.39 17.83
N ILE C 50 19.97 5.64 18.92
CA ILE C 50 19.17 4.44 19.17
C ILE C 50 18.52 4.59 20.54
N ILE C 51 17.43 3.86 20.73
CA ILE C 51 16.74 3.82 22.01
C ILE C 51 15.99 2.49 22.11
N SER C 52 16.08 1.85 23.28
CA SER C 52 15.41 0.59 23.50
C SER C 52 13.93 0.81 23.81
N PHE C 53 13.21 -0.29 24.02
CA PHE C 53 11.81 -0.19 24.42
C PHE C 53 11.67 0.39 25.82
N ASP C 54 12.70 0.26 26.66
CA ASP C 54 12.67 0.77 28.02
C ASP C 54 13.62 1.94 28.25
N GLY C 55 14.73 2.00 27.54
CA GLY C 55 15.72 3.03 27.71
C GLY C 55 17.02 2.61 28.36
N SER C 56 17.31 1.30 28.44
CA SER C 56 18.55 0.85 29.06
C SER C 56 19.75 1.16 28.17
N LYS C 57 19.73 0.67 26.94
CA LYS C 57 20.83 0.92 26.00
C LYS C 57 20.68 2.30 25.38
N LYS C 58 21.68 3.16 25.58
CA LYS C 58 21.66 4.50 24.99
C LYS C 58 22.36 4.50 23.64
N TYR C 59 23.66 4.19 23.63
CA TYR C 59 24.42 3.87 22.42
C TYR C 59 24.27 4.95 21.35
N TYR C 60 24.81 6.13 21.67
CA TYR C 60 24.77 7.25 20.75
C TYR C 60 25.68 7.01 19.55
N ALA C 61 25.78 8.01 18.68
CA ALA C 61 26.55 7.89 17.45
C ALA C 61 28.03 8.05 17.71
N ASN C 62 28.81 8.22 16.65
CA ASN C 62 30.22 8.58 16.75
C ASN C 62 30.40 10.09 16.67
N SER C 63 29.75 10.74 15.71
CA SER C 63 29.89 12.18 15.55
C SER C 63 29.32 12.95 16.72
N VAL C 64 28.32 12.37 17.42
CA VAL C 64 27.67 13.05 18.53
C VAL C 64 27.71 12.17 19.77
N LYS C 65 28.76 11.35 19.90
CA LYS C 65 28.87 10.42 21.02
C LYS C 65 28.84 11.17 22.35
N GLY C 66 27.79 10.98 23.13
CA GLY C 66 27.62 11.71 24.37
C GLY C 66 27.26 13.16 24.23
N ARG C 67 27.05 13.65 23.00
CA ARG C 67 26.72 15.05 22.77
C ARG C 67 25.24 15.33 22.91
N SER C 68 24.38 14.39 22.50
CA SER C 68 22.94 14.54 22.60
C SER C 68 22.40 13.69 23.75
N THR C 69 21.08 13.69 23.90
CA THR C 69 20.43 12.80 24.87
C THR C 69 19.00 12.56 24.40
N ILE C 70 18.70 11.30 24.06
CA ILE C 70 17.36 10.92 23.65
C ILE C 70 16.60 10.38 24.86
N SER C 71 15.28 10.33 24.73
CA SER C 71 14.42 9.81 25.78
C SER C 71 13.08 9.43 25.15
N ARG C 72 12.35 8.57 25.84
CA ARG C 72 11.04 8.19 25.35
C ARG C 72 10.09 7.98 26.52
N ASP C 73 8.83 8.30 26.29
CA ASP C 73 7.76 8.06 27.26
C ASP C 73 6.84 7.02 26.65
N ASN C 74 6.96 5.78 27.13
CA ASN C 74 6.13 4.69 26.64
C ASN C 74 4.74 4.69 27.23
N SER C 75 4.53 5.44 28.32
CA SER C 75 3.17 5.65 28.82
C SER C 75 2.45 6.72 28.02
N LYS C 76 3.20 7.66 27.44
CA LYS C 76 2.65 8.65 26.53
C LYS C 76 2.90 8.32 25.07
N ASN C 77 3.75 7.33 24.79
CA ASN C 77 4.08 6.91 23.43
C ASN C 77 4.67 8.07 22.62
N THR C 78 5.80 8.58 23.09
CA THR C 78 6.50 9.67 22.44
C THR C 78 7.99 9.47 22.54
N LEU C 79 8.74 10.05 21.60
CA LEU C 79 10.19 9.92 21.56
C LEU C 79 10.79 11.31 21.35
N SER C 80 11.47 11.84 22.36
CA SER C 80 12.04 13.17 22.34
C SER C 80 13.55 13.11 22.41
N LEU C 81 14.19 14.26 22.14
CA LEU C 81 15.63 14.36 22.08
C LEU C 81 16.05 15.79 22.40
N GLN C 82 17.03 15.94 23.29
CA GLN C 82 17.57 17.23 23.68
C GLN C 82 19.07 17.24 23.42
N MET C 83 19.56 18.32 22.79
CA MET C 83 20.96 18.40 22.46
C MET C 83 21.44 19.84 22.49
N GLU C 84 22.68 20.04 22.93
CA GLU C 84 23.34 21.33 22.96
C GLU C 84 24.54 21.32 22.02
N SER C 85 25.30 22.42 22.02
CA SER C 85 26.49 22.58 21.19
C SER C 85 26.17 22.35 19.72
N LEU C 86 25.30 23.21 19.19
CA LEU C 86 24.82 23.10 17.82
C LEU C 86 25.59 24.03 16.90
N GLY C 87 25.88 23.55 15.70
CA GLY C 87 26.57 24.33 14.70
C GLY C 87 26.03 24.07 13.31
N PRO C 88 26.49 24.85 12.32
CA PRO C 88 26.02 24.66 10.95
C PRO C 88 26.46 23.34 10.33
N GLU C 89 27.39 22.62 10.94
CA GLU C 89 27.82 21.32 10.44
C GLU C 89 26.75 20.25 10.59
N ASP C 90 25.66 20.53 11.31
CA ASP C 90 24.57 19.58 11.49
C ASP C 90 23.29 20.01 10.79
N THR C 91 23.36 21.05 9.95
CA THR C 91 22.21 21.51 9.18
C THR C 91 21.72 20.43 8.23
N ALA C 92 20.55 19.84 8.52
CA ALA C 92 20.12 18.67 7.78
C ALA C 92 18.69 18.30 8.19
N LEU C 93 18.16 17.26 7.53
CA LEU C 93 16.92 16.62 7.93
C LEU C 93 17.22 15.45 8.84
N TYR C 94 16.23 15.07 9.65
CA TYR C 94 16.39 13.97 10.59
C TYR C 94 15.07 13.22 10.70
N TYR C 95 15.18 11.89 10.83
CA TYR C 95 14.01 11.01 10.82
C TYR C 95 14.01 10.16 12.08
N CYS C 96 12.86 10.11 12.76
CA CYS C 96 12.58 9.07 13.74
C CYS C 96 11.95 7.90 13.01
N ALA C 97 12.53 6.71 13.18
CA ALA C 97 12.23 5.61 12.29
C ALA C 97 12.68 4.29 12.89
N LYS C 98 11.88 3.25 12.71
CA LYS C 98 12.25 1.90 13.10
C LYS C 98 13.02 1.25 11.96
N LEU C 99 14.28 0.92 12.21
CA LEU C 99 15.14 0.22 11.27
C LEU C 99 15.49 -1.15 11.83
N PRO C 100 15.84 -2.11 10.97
CA PRO C 100 16.23 -3.44 11.47
C PRO C 100 17.49 -3.37 12.32
N SER C 101 17.33 -3.61 13.61
CA SER C 101 18.41 -3.58 14.58
C SER C 101 18.58 -4.96 15.19
N PRO C 102 19.65 -5.23 15.93
CA PRO C 102 19.77 -6.50 16.65
C PRO C 102 18.58 -6.73 17.58
N TYR C 103 18.38 -8.00 17.93
CA TYR C 103 17.15 -8.41 18.61
C TYR C 103 17.01 -7.78 19.99
N TYR C 104 18.12 -7.55 20.69
CA TYR C 104 18.01 -7.14 22.10
C TYR C 104 17.45 -5.73 22.26
N PHE C 105 17.47 -4.91 21.21
CA PHE C 105 16.86 -3.59 21.31
C PHE C 105 15.33 -3.68 21.30
N ASP C 106 14.78 -4.69 20.63
CA ASP C 106 13.35 -4.92 20.67
C ASP C 106 12.98 -5.73 21.91
N SER C 107 11.68 -5.77 22.19
CA SER C 107 11.21 -6.40 23.42
C SER C 107 11.38 -7.91 23.37
N ARG C 108 11.21 -8.54 24.54
CA ARG C 108 11.32 -9.99 24.64
C ARG C 108 10.18 -10.69 23.90
N PHE C 109 9.04 -10.03 23.76
CA PHE C 109 7.87 -10.64 23.15
C PHE C 109 7.78 -10.42 21.64
N VAL C 110 8.57 -9.52 21.08
CA VAL C 110 8.44 -9.15 19.67
C VAL C 110 9.73 -9.46 18.91
N TRP C 111 10.46 -10.49 19.35
CA TRP C 111 11.69 -10.85 18.67
C TRP C 111 11.43 -11.40 17.27
N VAL C 112 10.25 -11.97 17.04
CA VAL C 112 9.86 -12.49 15.74
C VAL C 112 8.56 -11.81 15.32
N ALA C 113 8.50 -11.37 14.06
CA ALA C 113 7.32 -10.72 13.52
C ALA C 113 7.33 -10.88 12.01
N ALA C 114 6.14 -11.11 11.44
CA ALA C 114 6.02 -11.28 10.00
C ALA C 114 6.53 -10.04 9.27
N SER C 115 5.93 -8.88 9.55
CA SER C 115 6.39 -7.60 9.04
C SER C 115 7.07 -6.86 10.17
N ALA C 116 8.40 -6.76 10.11
CA ALA C 116 9.17 -6.20 11.21
C ALA C 116 9.18 -4.68 11.18
N PHE C 117 8.00 -4.06 11.10
CA PHE C 117 7.82 -2.62 11.25
C PHE C 117 8.65 -1.84 10.22
N HIS C 118 8.27 -2.01 8.96
CA HIS C 118 8.82 -1.21 7.87
C HIS C 118 8.10 0.14 7.89
N PHE C 119 8.53 0.99 8.82
CA PHE C 119 7.77 2.19 9.18
C PHE C 119 8.44 3.47 8.70
N TRP C 120 9.68 3.74 9.10
CA TRP C 120 10.45 4.89 8.65
C TRP C 120 9.66 6.19 8.61
N GLY C 121 9.26 6.71 9.77
CA GLY C 121 8.54 7.98 9.84
C GLY C 121 9.14 9.13 9.07
N GLN C 122 8.37 10.21 8.92
CA GLN C 122 8.72 11.30 8.01
C GLN C 122 9.89 12.12 8.57
N GLY C 123 10.25 13.20 7.88
CA GLY C 123 11.43 13.97 8.19
C GLY C 123 11.15 15.26 8.94
N ILE C 124 12.20 15.77 9.59
CA ILE C 124 12.16 17.01 10.35
C ILE C 124 13.44 17.78 10.01
N LEU C 125 13.29 18.95 9.39
CA LEU C 125 14.44 19.72 8.95
C LEU C 125 14.87 20.70 10.03
N VAL C 126 16.19 20.83 10.20
CA VAL C 126 16.76 21.87 11.06
C VAL C 126 17.89 22.54 10.30
N THR C 127 17.86 23.87 10.25
CA THR C 127 18.81 24.68 9.51
C THR C 127 19.28 25.81 10.40
N VAL C 128 20.58 25.85 10.69
CA VAL C 128 21.15 26.81 11.62
C VAL C 128 22.14 27.70 10.87
N SER C 129 21.85 29.00 10.85
CA SER C 129 22.75 30.00 10.27
C SER C 129 22.31 31.37 10.78
N SER C 130 22.99 32.40 10.29
CA SER C 130 22.67 33.78 10.69
C SER C 130 21.56 34.31 9.78
N ALA C 131 20.33 33.96 10.15
CA ALA C 131 19.15 34.35 9.38
C ALA C 131 17.94 34.28 10.30
N SER C 132 16.75 34.41 9.72
CA SER C 132 15.50 34.37 10.46
C SER C 132 14.39 33.94 9.50
N THR C 133 13.14 34.10 9.92
CA THR C 133 11.99 33.74 9.10
C THR C 133 11.50 34.99 8.36
N LYS C 134 11.48 34.91 7.04
CA LYS C 134 11.04 35.99 6.17
C LYS C 134 9.73 35.60 5.49
N GLY C 135 9.28 36.46 4.57
CA GLY C 135 8.08 36.22 3.82
C GLY C 135 8.35 35.80 2.39
N PRO C 136 7.76 34.69 1.96
CA PRO C 136 7.99 34.22 0.60
C PRO C 136 7.29 35.09 -0.43
N SER C 137 7.92 35.21 -1.60
CA SER C 137 7.39 35.99 -2.71
C SER C 137 7.21 35.06 -3.91
N VAL C 138 5.99 34.97 -4.41
CA VAL C 138 5.64 34.09 -5.52
C VAL C 138 5.33 34.93 -6.75
N PHE C 139 6.03 34.65 -7.84
CA PHE C 139 5.82 35.32 -9.12
C PHE C 139 5.43 34.28 -10.17
N PRO C 140 4.24 34.35 -10.75
CA PRO C 140 3.89 33.41 -11.82
C PRO C 140 4.43 33.87 -13.16
N LEU C 141 4.43 32.93 -14.11
CA LEU C 141 4.93 33.18 -15.46
C LEU C 141 3.87 32.75 -16.46
N ALA C 142 3.44 33.67 -17.30
CA ALA C 142 2.42 33.44 -18.32
C ALA C 142 3.02 33.50 -19.72
N PRO C 143 2.40 32.84 -20.71
CA PRO C 143 2.93 32.88 -22.07
C PRO C 143 2.82 34.27 -22.71
N THR C 152 0.10 23.66 -27.37
CA THR C 152 0.31 23.28 -25.99
C THR C 152 1.46 24.06 -25.36
N ALA C 153 1.20 24.68 -24.22
CA ALA C 153 2.18 25.54 -23.56
C ALA C 153 2.45 25.00 -22.14
N ALA C 154 3.20 25.79 -21.36
CA ALA C 154 3.51 25.42 -19.99
C ALA C 154 3.69 26.68 -19.16
N LEU C 155 3.16 26.66 -17.94
CA LEU C 155 3.21 27.80 -17.04
C LEU C 155 3.73 27.36 -15.67
N GLY C 156 4.28 28.32 -14.94
CA GLY C 156 4.89 28.00 -13.66
C GLY C 156 4.86 29.16 -12.69
N CYS C 157 5.36 28.89 -11.49
CA CYS C 157 5.49 29.87 -10.41
C CYS C 157 6.87 29.77 -9.79
N LEU C 158 7.47 30.93 -9.51
CA LEU C 158 8.76 31.02 -8.84
C LEU C 158 8.55 31.52 -7.42
N VAL C 159 9.27 30.91 -6.48
CA VAL C 159 9.19 31.26 -5.07
C VAL C 159 10.57 31.73 -4.64
N LYS C 160 10.71 33.03 -4.37
CA LYS C 160 11.97 33.61 -3.95
C LYS C 160 11.80 34.21 -2.55
N ASP C 161 12.93 34.33 -1.86
CA ASP C 161 13.02 34.94 -0.54
C ASP C 161 12.18 34.18 0.50
N TYR C 162 12.52 32.90 0.66
CA TYR C 162 12.03 32.10 1.77
C TYR C 162 13.14 31.15 2.18
N PHE C 163 13.39 31.06 3.49
CA PHE C 163 14.67 30.57 4.00
C PHE C 163 14.89 29.08 3.72
N PRO C 164 14.10 28.15 4.31
CA PRO C 164 14.36 26.73 4.05
C PRO C 164 13.66 26.27 2.78
N GLU C 165 13.65 24.95 2.52
CA GLU C 165 12.85 24.36 1.45
C GLU C 165 11.87 23.36 2.06
N PRO C 166 10.88 23.83 2.81
CA PRO C 166 9.86 22.93 3.37
C PRO C 166 8.56 22.85 2.58
N VAL C 167 8.41 23.64 1.53
CA VAL C 167 7.14 23.78 0.82
C VAL C 167 7.00 22.69 -0.22
N THR C 168 5.81 22.08 -0.27
CA THR C 168 5.38 21.27 -1.40
C THR C 168 4.51 22.19 -2.25
N VAL C 169 5.14 22.85 -3.22
CA VAL C 169 4.45 23.85 -4.02
C VAL C 169 3.25 23.22 -4.71
N SER C 170 2.06 23.68 -4.34
CA SER C 170 0.80 23.11 -4.81
C SER C 170 0.12 24.05 -5.78
N TRP C 171 -0.69 23.47 -6.66
CA TRP C 171 -1.43 24.21 -7.68
C TRP C 171 -2.91 23.97 -7.45
N ASN C 172 -3.65 25.05 -7.20
CA ASN C 172 -5.06 24.99 -6.80
C ASN C 172 -5.22 24.13 -5.55
N SER C 173 -4.24 24.21 -4.65
CA SER C 173 -4.22 23.47 -3.39
C SER C 173 -4.32 21.96 -3.64
N GLY C 174 -3.32 21.45 -4.36
CA GLY C 174 -3.22 20.04 -4.63
C GLY C 174 -4.23 19.55 -5.64
N ALA C 175 -4.12 19.99 -6.89
CA ALA C 175 -5.06 19.61 -7.94
C ALA C 175 -4.39 18.85 -9.08
N LEU C 176 -3.28 19.33 -9.60
CA LEU C 176 -2.64 18.76 -10.78
C LEU C 176 -1.24 18.29 -10.45
N THR C 177 -0.95 17.03 -10.77
CA THR C 177 0.40 16.49 -10.69
C THR C 177 0.81 15.71 -11.94
N SER C 178 -0.11 15.46 -12.87
CA SER C 178 0.20 14.73 -14.10
C SER C 178 0.84 15.68 -15.11
N GLY C 179 2.13 15.93 -14.91
CA GLY C 179 2.87 16.80 -15.79
C GLY C 179 3.43 18.03 -15.09
N VAL C 180 3.67 17.91 -13.79
CA VAL C 180 4.25 19.00 -13.01
C VAL C 180 5.69 18.66 -12.68
N HIS C 181 6.45 19.68 -12.32
CA HIS C 181 7.85 19.53 -11.95
C HIS C 181 8.18 20.52 -10.85
N THR C 182 8.75 20.02 -9.76
CA THR C 182 9.19 20.82 -8.62
C THR C 182 10.71 20.82 -8.58
N PHE C 183 11.31 21.99 -8.69
CA PHE C 183 12.75 22.14 -8.76
C PHE C 183 13.34 22.40 -7.37
N PRO C 184 14.60 22.02 -7.15
CA PRO C 184 15.23 22.26 -5.85
C PRO C 184 15.43 23.74 -5.58
N ALA C 185 15.84 24.02 -4.34
CA ALA C 185 16.08 25.40 -3.93
C ALA C 185 17.37 25.93 -4.55
N VAL C 186 17.38 27.22 -4.89
CA VAL C 186 18.49 27.86 -5.58
C VAL C 186 19.04 28.99 -4.70
N LEU C 187 20.33 28.94 -4.40
CA LEU C 187 21.05 30.05 -3.78
C LEU C 187 22.00 30.68 -4.77
N GLN C 188 22.12 32.01 -4.70
CA GLN C 188 23.18 32.69 -5.45
C GLN C 188 24.07 33.56 -4.58
N SER C 189 23.50 34.63 -4.00
CA SER C 189 24.28 35.56 -3.21
C SER C 189 23.48 36.05 -2.01
N SER C 190 22.20 35.73 -1.98
CA SER C 190 21.34 36.18 -0.90
C SER C 190 21.40 35.20 0.26
N GLY C 191 20.55 35.41 1.27
CA GLY C 191 20.50 34.52 2.40
C GLY C 191 19.39 33.49 2.30
N LEU C 192 18.44 33.72 1.39
CA LEU C 192 17.28 32.85 1.23
C LEU C 192 17.28 32.22 -0.16
N TYR C 193 16.64 31.06 -0.26
CA TYR C 193 16.71 30.25 -1.46
C TYR C 193 15.56 30.58 -2.41
N SER C 194 15.85 30.56 -3.70
CA SER C 194 14.84 30.67 -4.74
C SER C 194 14.49 29.29 -5.28
N LEU C 195 13.36 29.21 -5.96
CA LEU C 195 12.83 27.92 -6.39
C LEU C 195 11.84 28.15 -7.52
N SER C 196 11.65 27.11 -8.35
CA SER C 196 10.71 27.16 -9.45
C SER C 196 9.83 25.93 -9.43
N SER C 197 8.65 26.06 -10.03
CA SER C 197 7.75 24.93 -10.22
C SER C 197 6.96 25.15 -11.50
N VAL C 198 6.84 24.11 -12.32
CA VAL C 198 6.23 24.25 -13.63
C VAL C 198 5.18 23.16 -13.85
N VAL C 199 4.31 23.40 -14.83
CA VAL C 199 3.28 22.44 -15.21
C VAL C 199 2.83 22.78 -16.63
N THR C 200 2.66 21.73 -17.45
CA THR C 200 2.19 21.91 -18.82
C THR C 200 0.68 22.15 -18.84
N VAL C 201 0.18 22.52 -20.02
CA VAL C 201 -1.23 22.84 -20.21
C VAL C 201 -1.54 22.86 -21.71
N PRO C 202 -2.66 22.26 -22.13
CA PRO C 202 -3.04 22.35 -23.55
C PRO C 202 -3.46 23.76 -23.96
N SER C 203 -3.87 23.92 -25.22
CA SER C 203 -4.27 25.21 -25.75
C SER C 203 -5.79 25.40 -25.71
N SER C 204 -6.47 24.81 -24.72
CA SER C 204 -7.91 24.90 -24.65
C SER C 204 -8.44 25.14 -23.23
N SER C 205 -7.56 25.34 -22.25
CA SER C 205 -7.99 25.54 -20.86
C SER C 205 -7.20 26.67 -20.23
N LEU C 206 -7.04 27.78 -20.97
CA LEU C 206 -6.27 28.91 -20.46
C LEU C 206 -7.09 29.81 -19.55
N GLY C 207 -8.33 30.11 -19.93
CA GLY C 207 -9.16 31.01 -19.15
C GLY C 207 -10.36 30.36 -18.50
N THR C 208 -10.69 29.13 -18.92
CA THR C 208 -11.85 28.45 -18.36
C THR C 208 -11.61 28.03 -16.93
N GLN C 209 -10.61 27.16 -16.70
CA GLN C 209 -10.28 26.67 -15.38
C GLN C 209 -9.16 27.53 -14.81
N THR C 210 -9.49 28.31 -13.77
CA THR C 210 -8.50 29.19 -13.16
C THR C 210 -7.44 28.37 -12.44
N TYR C 211 -6.17 28.67 -12.72
CA TYR C 211 -5.04 27.95 -12.14
C TYR C 211 -4.31 28.87 -11.18
N ILE C 212 -4.15 28.41 -9.93
CA ILE C 212 -3.53 29.18 -8.86
C ILE C 212 -2.47 28.30 -8.21
N CYS C 213 -1.25 28.84 -8.07
CA CYS C 213 -0.19 28.15 -7.35
C CYS C 213 -0.22 28.57 -5.89
N ASN C 214 -0.22 27.57 -5.01
CA ASN C 214 -0.38 27.67 -3.57
C ASN C 214 0.93 27.21 -2.91
N VAL C 215 1.59 28.08 -2.15
CA VAL C 215 2.82 27.71 -1.48
C VAL C 215 2.63 27.82 0.04
N ASN C 216 3.64 27.36 0.77
CA ASN C 216 3.58 27.38 2.24
C ASN C 216 5.00 27.43 2.80
N HIS C 217 5.42 28.62 3.23
CA HIS C 217 6.66 28.79 3.99
C HIS C 217 6.33 28.47 5.43
N LYS C 218 6.50 27.20 5.81
CA LYS C 218 6.02 26.72 7.10
C LYS C 218 6.66 27.42 8.30
N PRO C 219 7.97 27.70 8.33
CA PRO C 219 8.52 28.49 9.45
C PRO C 219 7.86 29.85 9.61
N SER C 220 7.21 30.37 8.57
CA SER C 220 6.38 31.56 8.69
C SER C 220 4.90 31.23 8.60
N ASN C 221 4.55 29.96 8.34
CA ASN C 221 3.15 29.53 8.22
C ASN C 221 2.40 30.34 7.18
N THR C 222 3.04 30.54 6.03
CA THR C 222 2.47 31.33 4.95
C THR C 222 1.55 30.47 4.10
N LYS C 223 0.52 31.12 3.55
CA LYS C 223 -0.37 30.50 2.58
C LYS C 223 -0.65 31.46 1.44
N VAL C 224 0.39 32.20 1.03
CA VAL C 224 0.25 33.18 -0.05
C VAL C 224 0.19 32.45 -1.38
N ASP C 225 -0.90 32.68 -2.12
CA ASP C 225 -1.19 32.00 -3.37
C ASP C 225 -1.12 33.02 -4.51
N LYS C 226 -1.16 32.53 -5.74
CA LYS C 226 -1.14 33.44 -6.88
C LYS C 226 -1.80 32.79 -8.07
N ARG C 227 -2.82 33.47 -8.61
CA ARG C 227 -3.46 33.03 -9.85
C ARG C 227 -2.59 33.41 -11.04
N VAL C 228 -2.51 32.52 -12.02
CA VAL C 228 -1.71 32.72 -13.22
C VAL C 228 -2.65 33.04 -14.37
N GLU C 229 -2.50 34.23 -14.96
CA GLU C 229 -3.31 34.66 -16.09
C GLU C 229 -2.44 35.43 -17.06
N PRO C 230 -2.73 35.33 -18.37
CA PRO C 230 -1.90 36.03 -19.36
C PRO C 230 -2.24 37.50 -19.50
N LYS C 231 -1.62 38.16 -20.49
CA LYS C 231 -1.85 39.58 -20.76
C LYS C 231 -3.33 39.91 -20.93
N MET D 1 33.11 5.00 8.43
CA MET D 1 31.78 4.73 7.92
C MET D 1 31.79 3.59 6.92
N LEU D 2 30.86 3.61 5.97
CA LEU D 2 30.69 2.53 5.00
C LEU D 2 31.03 2.99 3.59
N THR D 3 31.14 2.02 2.70
CA THR D 3 31.44 2.25 1.30
C THR D 3 30.18 2.06 0.45
N GLN D 4 30.09 2.85 -0.62
CA GLN D 4 28.93 2.75 -1.49
C GLN D 4 29.27 3.26 -2.90
N PRO D 5 28.94 2.49 -3.93
CA PRO D 5 29.24 2.91 -5.30
C PRO D 5 28.52 4.20 -5.66
N PRO D 6 29.02 4.96 -6.64
CA PRO D 6 28.42 6.25 -6.96
C PRO D 6 27.03 6.15 -7.59
N SER D 7 26.89 5.38 -8.65
CA SER D 7 25.65 5.37 -9.42
C SER D 7 25.38 3.96 -9.93
N ALA D 8 24.42 3.85 -10.84
CA ALA D 8 24.04 2.59 -11.47
C ALA D 8 23.23 2.91 -12.72
N SER D 9 23.20 1.95 -13.65
CA SER D 9 22.51 2.14 -14.91
C SER D 9 22.01 0.79 -15.43
N GLY D 10 20.98 0.86 -16.27
CA GLY D 10 20.41 -0.34 -16.86
C GLY D 10 19.14 -0.07 -17.64
N THR D 11 18.95 -0.80 -18.73
CA THR D 11 17.74 -0.67 -19.53
C THR D 11 16.55 -1.29 -18.80
N PRO D 12 15.32 -0.87 -19.13
CA PRO D 12 14.15 -1.54 -18.55
C PRO D 12 14.12 -3.01 -18.89
N GLY D 13 14.27 -3.87 -17.88
CA GLY D 13 14.35 -5.29 -18.10
C GLY D 13 15.76 -5.80 -18.28
N GLN D 14 16.70 -5.29 -17.48
CA GLN D 14 18.09 -5.67 -17.58
C GLN D 14 18.72 -6.07 -16.25
N ARG D 15 17.96 -6.10 -15.16
CA ARG D 15 18.42 -6.61 -13.87
C ARG D 15 19.64 -5.85 -13.36
N VAL D 16 19.38 -4.57 -13.04
CA VAL D 16 20.44 -3.72 -12.50
C VAL D 16 20.92 -4.25 -11.16
N THR D 17 22.24 -4.22 -10.95
CA THR D 17 22.87 -4.71 -9.74
C THR D 17 23.65 -3.59 -9.05
N ILE D 18 23.65 -3.62 -7.72
CA ILE D 18 24.36 -2.64 -6.90
C ILE D 18 25.04 -3.40 -5.77
N SER D 19 26.27 -2.98 -5.43
CA SER D 19 27.07 -3.64 -4.40
C SER D 19 27.13 -2.78 -3.14
N CYS D 20 27.59 -3.41 -2.06
CA CYS D 20 27.80 -2.71 -0.80
C CYS D 20 28.87 -3.45 -0.01
N SER D 21 30.03 -2.82 0.17
CA SER D 21 31.15 -3.43 0.85
C SER D 21 31.34 -2.82 2.24
N GLY D 22 31.87 -3.62 3.15
CA GLY D 22 32.13 -3.19 4.51
C GLY D 22 33.33 -3.92 5.07
N SER D 23 33.28 -4.17 6.38
CA SER D 23 34.36 -4.88 7.05
C SER D 23 33.81 -6.00 7.92
N SER D 24 34.68 -6.64 8.72
CA SER D 24 34.23 -7.64 9.66
C SER D 24 33.48 -7.04 10.84
N SER D 25 33.57 -5.72 11.04
CA SER D 25 32.90 -5.08 12.16
C SER D 25 31.41 -4.86 11.88
N ASN D 26 31.03 -4.61 10.63
CA ASN D 26 29.66 -4.28 10.29
C ASN D 26 28.98 -5.34 9.43
N ILE D 27 29.55 -5.66 8.28
CA ILE D 27 28.89 -6.54 7.34
C ILE D 27 29.23 -8.01 7.59
N GLY D 28 30.51 -8.31 7.83
CA GLY D 28 30.91 -9.68 8.08
C GLY D 28 30.33 -10.28 9.34
N GLY D 29 29.93 -9.44 10.30
CA GLY D 29 29.39 -9.93 11.55
C GLY D 29 27.87 -10.03 11.59
N ASN D 30 27.20 -8.94 11.22
CA ASN D 30 25.75 -8.86 11.32
C ASN D 30 25.13 -8.65 9.95
N THR D 31 23.80 -8.67 9.93
CA THR D 31 23.05 -8.56 8.69
C THR D 31 23.01 -7.11 8.19
N VAL D 32 22.80 -6.97 6.88
CA VAL D 32 22.69 -5.66 6.26
C VAL D 32 21.23 -5.44 5.88
N HIS D 33 20.94 -4.21 5.44
CA HIS D 33 19.59 -3.85 5.04
C HIS D 33 19.65 -2.74 4.00
N TRP D 34 18.53 -2.51 3.34
CA TRP D 34 18.48 -1.60 2.20
C TRP D 34 17.33 -0.61 2.35
N PHE D 35 17.44 0.48 1.61
CA PHE D 35 16.51 1.59 1.70
C PHE D 35 16.41 2.28 0.35
N GLN D 36 15.23 2.84 0.06
CA GLN D 36 14.98 3.54 -1.20
C GLN D 36 14.31 4.88 -0.91
N GLN D 37 14.95 5.96 -1.35
CA GLN D 37 14.45 7.32 -1.16
C GLN D 37 13.97 7.86 -2.51
N LEU D 38 12.65 7.87 -2.70
CA LEU D 38 12.08 8.50 -3.88
C LEU D 38 12.34 10.00 -3.84
N PRO D 39 12.34 10.68 -5.00
CA PRO D 39 12.72 12.10 -5.03
C PRO D 39 11.92 12.98 -4.07
N GLY D 40 12.62 13.52 -3.07
CA GLY D 40 12.01 14.44 -2.13
C GLY D 40 11.02 13.84 -1.16
N THR D 41 10.94 12.52 -1.07
CA THR D 41 9.97 11.85 -0.21
C THR D 41 10.67 11.21 0.97
N ALA D 42 9.93 11.05 2.07
CA ALA D 42 10.41 10.27 3.20
C ALA D 42 10.55 8.81 2.76
N PRO D 43 11.75 8.24 2.82
CA PRO D 43 11.99 6.95 2.17
C PRO D 43 11.32 5.78 2.89
N LYS D 44 11.45 4.58 2.32
CA LYS D 44 10.79 3.38 2.84
C LYS D 44 11.81 2.27 3.05
N LEU D 45 11.38 1.24 3.78
CA LEU D 45 12.20 0.07 4.03
C LEU D 45 12.23 -0.83 2.79
N LEU D 46 13.43 -1.17 2.34
CA LEU D 46 13.58 -1.99 1.13
C LEU D 46 13.71 -3.48 1.46
N ILE D 47 14.76 -3.85 2.19
CA ILE D 47 15.06 -5.25 2.47
C ILE D 47 15.70 -5.33 3.84
N TYR D 48 15.23 -6.28 4.66
CA TYR D 48 15.80 -6.57 5.96
C TYR D 48 16.28 -8.02 6.02
N THR D 49 17.24 -8.28 6.91
CA THR D 49 17.86 -9.59 7.09
C THR D 49 18.47 -10.10 5.78
N ASN D 50 18.93 -9.17 4.94
CA ASN D 50 19.77 -9.41 3.77
C ASN D 50 19.04 -10.03 2.59
N SER D 51 17.82 -10.55 2.81
CA SER D 51 17.07 -11.12 1.69
C SER D 51 15.57 -10.86 1.74
N LEU D 52 15.01 -10.44 2.86
CA LEU D 52 13.57 -10.49 3.06
C LEU D 52 12.88 -9.25 2.49
N ARG D 53 11.77 -9.47 1.80
CA ARG D 53 10.93 -8.36 1.39
C ARG D 53 9.85 -8.11 2.44
N PRO D 54 9.60 -6.86 2.81
CA PRO D 54 8.64 -6.58 3.88
C PRO D 54 7.20 -6.71 3.42
N SER D 55 6.24 -6.38 4.29
CA SER D 55 4.83 -6.49 3.92
C SER D 55 4.43 -5.55 2.80
N GLY D 56 5.31 -4.61 2.41
CA GLY D 56 5.12 -3.91 1.15
C GLY D 56 5.25 -4.81 -0.06
N VAL D 57 5.64 -6.06 0.13
CA VAL D 57 5.77 -7.14 -0.86
C VAL D 57 6.29 -6.61 -2.20
N PRO D 58 7.53 -6.09 -2.26
CA PRO D 58 8.14 -5.83 -3.56
C PRO D 58 8.86 -7.07 -4.06
N ASP D 59 8.42 -7.61 -5.21
CA ASP D 59 8.92 -8.89 -5.69
C ASP D 59 10.19 -8.75 -6.51
N ARG D 60 10.30 -7.69 -7.31
CA ARG D 60 11.41 -7.55 -8.24
C ARG D 60 12.75 -7.29 -7.55
N PHE D 61 12.75 -7.06 -6.24
CA PHE D 61 13.97 -6.73 -5.51
C PHE D 61 14.56 -7.99 -4.89
N SER D 62 15.88 -8.16 -5.02
CA SER D 62 16.59 -9.32 -4.53
C SER D 62 17.79 -8.87 -3.71
N GLY D 63 17.99 -9.51 -2.57
CA GLY D 63 19.10 -9.19 -1.68
C GLY D 63 19.97 -10.40 -1.43
N SER D 64 21.28 -10.17 -1.33
CA SER D 64 22.23 -11.24 -1.04
C SER D 64 23.30 -10.71 -0.10
N LYS D 65 23.82 -11.61 0.74
CA LYS D 65 24.86 -11.27 1.71
C LYS D 65 25.88 -12.40 1.72
N SER D 66 27.14 -12.06 1.40
CA SER D 66 28.22 -13.04 1.36
C SER D 66 29.42 -12.44 2.09
N GLY D 67 29.62 -12.88 3.33
CA GLY D 67 30.77 -12.46 4.11
C GLY D 67 30.92 -10.97 4.25
N THR D 68 31.94 -10.41 3.60
CA THR D 68 32.24 -9.00 3.69
C THR D 68 31.42 -8.14 2.73
N SER D 69 30.61 -8.75 1.87
CA SER D 69 29.92 -7.99 0.83
C SER D 69 28.42 -8.26 0.87
N ALA D 70 27.67 -7.33 0.28
CA ALA D 70 26.22 -7.46 0.11
C ALA D 70 25.85 -6.93 -1.26
N SER D 71 24.72 -7.39 -1.77
CA SER D 71 24.31 -7.05 -3.12
C SER D 71 22.79 -6.87 -3.20
N LEU D 72 22.36 -5.86 -3.94
CA LEU D 72 20.97 -5.59 -4.24
C LEU D 72 20.78 -5.72 -5.76
N ALA D 73 19.64 -6.28 -6.16
CA ALA D 73 19.37 -6.52 -7.57
C ALA D 73 17.92 -6.19 -7.87
N ILE D 74 17.68 -5.63 -9.05
CA ILE D 74 16.34 -5.26 -9.49
C ILE D 74 16.15 -5.77 -10.91
N SER D 75 15.19 -6.68 -11.08
CA SER D 75 14.84 -7.19 -12.40
C SER D 75 13.68 -6.38 -12.97
N GLY D 76 13.76 -6.08 -14.26
CA GLY D 76 12.76 -5.25 -14.90
C GLY D 76 13.05 -3.77 -14.78
N LEU D 77 13.19 -3.30 -13.54
CA LEU D 77 13.54 -1.91 -13.21
C LEU D 77 12.72 -0.91 -14.03
N GLN D 78 11.41 -0.92 -13.79
CA GLN D 78 10.53 0.04 -14.43
C GLN D 78 10.82 1.45 -13.92
N SER D 79 10.11 2.43 -14.49
CA SER D 79 10.39 3.83 -14.22
C SER D 79 10.16 4.24 -12.77
N GLU D 80 9.48 3.40 -11.98
CA GLU D 80 9.21 3.73 -10.58
C GLU D 80 10.41 3.49 -9.66
N ASP D 81 11.60 3.27 -10.22
CA ASP D 81 12.80 3.04 -9.44
C ASP D 81 13.80 4.18 -9.53
N GLU D 82 13.45 5.28 -10.19
CA GLU D 82 14.33 6.45 -10.28
C GLU D 82 14.38 7.14 -8.93
N ALA D 83 15.37 6.79 -8.11
CA ALA D 83 15.41 7.24 -6.73
C ALA D 83 16.78 6.96 -6.15
N ASP D 84 17.07 7.60 -5.01
CA ASP D 84 18.27 7.28 -4.28
C ASP D 84 18.14 5.91 -3.63
N TYR D 85 19.26 5.20 -3.54
CA TYR D 85 19.30 3.90 -2.89
C TYR D 85 20.36 3.92 -1.81
N TYR D 86 20.16 3.10 -0.77
CA TYR D 86 21.04 3.16 0.39
C TYR D 86 21.19 1.78 1.00
N CYS D 87 22.40 1.49 1.47
CA CYS D 87 22.73 0.24 2.15
C CYS D 87 23.18 0.57 3.58
N ALA D 88 22.91 -0.35 4.50
CA ALA D 88 23.23 -0.10 5.89
C ALA D 88 23.59 -1.39 6.61
N ALA D 89 24.42 -1.26 7.64
CA ALA D 89 24.86 -2.37 8.47
C ALA D 89 24.82 -1.93 9.93
N TRP D 90 25.34 -2.78 10.81
CA TRP D 90 25.20 -2.57 12.25
C TRP D 90 26.48 -2.12 12.94
N ASP D 91 27.65 -2.44 12.40
CA ASP D 91 28.94 -2.05 12.97
C ASP D 91 29.07 -2.58 14.41
N ASN D 92 29.16 -3.92 14.49
CA ASN D 92 29.21 -4.59 15.79
C ASN D 92 30.37 -4.11 16.66
N SER D 93 31.45 -3.62 16.04
CA SER D 93 32.56 -3.06 16.82
C SER D 93 32.07 -1.86 17.64
N LEU D 94 31.48 -0.88 16.97
CA LEU D 94 30.75 0.19 17.64
C LEU D 94 29.38 -0.36 18.00
N ASN D 95 28.43 0.49 18.36
CA ASN D 95 27.07 0.03 18.62
C ASN D 95 26.11 0.43 17.51
N GLY D 96 25.97 1.72 17.23
CA GLY D 96 24.89 2.18 16.39
C GLY D 96 25.02 1.78 14.93
N GLN D 97 23.96 2.10 14.18
CA GLN D 97 23.87 1.71 12.79
C GLN D 97 24.91 2.45 11.95
N VAL D 98 25.32 1.85 10.85
CA VAL D 98 26.24 2.47 9.91
C VAL D 98 25.60 2.45 8.53
N PHE D 99 25.93 3.46 7.72
CA PHE D 99 25.28 3.68 6.44
C PHE D 99 26.32 3.89 5.35
N GLY D 100 26.13 3.23 4.20
CA GLY D 100 26.82 3.61 3.01
C GLY D 100 26.07 4.77 2.38
N GLY D 101 26.65 5.97 2.45
CA GLY D 101 25.89 7.16 2.13
C GLY D 101 25.87 7.56 0.67
N GLY D 102 24.80 7.20 -0.02
CA GLY D 102 24.55 7.75 -1.34
C GLY D 102 24.88 6.87 -2.53
N THR D 103 23.85 6.29 -3.15
CA THR D 103 23.97 5.75 -4.51
C THR D 103 22.64 5.98 -5.22
N LYS D 104 22.70 6.69 -6.34
CA LYS D 104 21.56 6.91 -7.21
C LYS D 104 21.69 6.02 -8.43
N LEU D 105 20.76 6.16 -9.37
CA LEU D 105 20.85 5.42 -10.61
C LEU D 105 20.05 6.13 -11.69
N THR D 106 20.17 5.62 -12.91
CA THR D 106 19.44 6.14 -14.06
C THR D 106 19.11 4.97 -14.97
N VAL D 107 18.00 5.09 -15.69
CA VAL D 107 17.57 4.05 -16.60
C VAL D 107 17.91 4.47 -18.02
N LEU D 108 17.83 3.51 -18.95
CA LEU D 108 18.11 3.80 -20.36
C LEU D 108 16.97 4.59 -20.96
N GLY D 109 17.09 5.92 -20.98
CA GLY D 109 16.08 6.76 -21.58
C GLY D 109 16.49 7.24 -22.96
N GLN D 110 15.78 6.79 -23.98
CA GLN D 110 16.10 7.18 -25.35
C GLN D 110 15.77 8.64 -25.58
N PRO D 111 16.75 9.54 -25.66
CA PRO D 111 16.47 10.98 -25.85
C PRO D 111 16.23 11.40 -27.30
N LYS D 112 15.00 11.20 -27.76
CA LYS D 112 14.61 11.71 -29.07
C LYS D 112 14.03 13.12 -28.99
N ALA D 113 13.41 13.47 -27.88
CA ALA D 113 12.74 14.77 -27.72
C ALA D 113 13.70 15.77 -27.10
N ALA D 114 13.91 16.89 -27.78
CA ALA D 114 14.70 17.97 -27.22
C ALA D 114 13.91 18.69 -26.14
N PRO D 115 14.58 19.35 -25.19
CA PRO D 115 13.85 20.04 -24.12
C PRO D 115 13.07 21.23 -24.67
N SER D 116 11.88 21.43 -24.11
CA SER D 116 11.00 22.52 -24.49
C SER D 116 11.31 23.74 -23.63
N VAL D 117 11.74 24.83 -24.27
CA VAL D 117 12.20 26.02 -23.57
C VAL D 117 11.07 27.04 -23.53
N THR D 118 10.93 27.72 -22.39
CA THR D 118 9.97 28.81 -22.23
C THR D 118 10.65 29.94 -21.47
N LEU D 119 10.56 31.15 -22.03
CA LEU D 119 11.22 32.33 -21.46
C LEU D 119 10.19 33.44 -21.32
N PHE D 120 9.81 33.75 -20.08
CA PHE D 120 8.83 34.80 -19.81
C PHE D 120 9.35 35.66 -18.65
N PRO D 121 9.57 36.95 -18.86
CA PRO D 121 9.99 37.82 -17.75
C PRO D 121 8.86 38.01 -16.77
N PRO D 122 9.16 38.41 -15.52
CA PRO D 122 8.11 38.56 -14.51
C PRO D 122 7.26 39.80 -14.74
N SER D 123 6.32 40.05 -13.82
CA SER D 123 5.39 41.16 -13.93
C SER D 123 5.83 42.31 -13.02
N SER D 124 4.98 43.33 -12.92
CA SER D 124 5.32 44.53 -12.15
C SER D 124 5.47 44.26 -10.66
N GLU D 125 4.87 43.18 -10.16
CA GLU D 125 5.07 42.83 -8.75
C GLU D 125 6.54 42.55 -8.46
N GLU D 126 7.24 41.92 -9.41
CA GLU D 126 8.68 41.71 -9.26
C GLU D 126 9.44 43.03 -9.33
N LEU D 127 8.96 43.97 -10.14
CA LEU D 127 9.60 45.29 -10.18
C LEU D 127 9.44 46.01 -8.85
N GLN D 128 8.30 45.82 -8.19
CA GLN D 128 8.08 46.40 -6.86
C GLN D 128 8.73 45.60 -5.74
N ALA D 129 9.14 44.36 -6.01
CA ALA D 129 9.83 43.53 -5.02
C ALA D 129 11.30 43.87 -4.89
N ASN D 130 11.74 45.02 -5.38
CA ASN D 130 13.09 45.57 -5.23
C ASN D 130 14.13 44.86 -6.09
N LYS D 131 13.79 43.77 -6.77
CA LYS D 131 14.74 43.06 -7.60
C LYS D 131 13.99 42.34 -8.71
N ALA D 132 14.56 42.36 -9.92
CA ALA D 132 13.98 41.69 -11.08
C ALA D 132 14.62 40.32 -11.25
N THR D 133 13.81 39.33 -11.63
CA THR D 133 14.28 37.96 -11.79
C THR D 133 13.61 37.34 -13.00
N LEU D 134 14.37 37.17 -14.08
CA LEU D 134 13.87 36.55 -15.30
C LEU D 134 14.29 35.08 -15.35
N VAL D 135 13.39 34.23 -15.84
CA VAL D 135 13.55 32.78 -15.80
C VAL D 135 13.47 32.22 -17.21
N CYS D 136 14.25 31.17 -17.47
CA CYS D 136 14.15 30.39 -18.70
C CYS D 136 14.15 28.91 -18.37
N LEU D 137 13.14 28.18 -18.83
CA LEU D 137 12.93 26.81 -18.40
C LEU D 137 13.03 25.83 -19.57
N ILE D 138 13.46 24.61 -19.25
CA ILE D 138 13.49 23.48 -20.17
C ILE D 138 12.89 22.28 -19.44
N SER D 139 12.31 21.36 -20.20
CA SER D 139 11.64 20.21 -19.60
C SER D 139 11.62 19.05 -20.57
N ASP D 140 11.26 17.87 -20.04
CA ASP D 140 11.03 16.63 -20.80
C ASP D 140 12.20 16.30 -21.73
N PHE D 141 13.34 16.03 -21.10
CA PHE D 141 14.53 15.57 -21.81
C PHE D 141 15.29 14.61 -20.90
N TYR D 142 15.98 13.65 -21.52
CA TYR D 142 16.56 12.52 -20.79
C TYR D 142 17.85 12.86 -20.04
N PRO D 143 18.90 13.38 -20.68
CA PRO D 143 20.19 13.48 -19.99
C PRO D 143 20.30 14.73 -19.14
N GLY D 144 21.11 14.61 -18.08
CA GLY D 144 21.25 15.69 -17.12
C GLY D 144 22.01 16.89 -17.64
N ALA D 145 22.83 16.70 -18.67
CA ALA D 145 23.63 17.79 -19.20
C ALA D 145 22.77 18.73 -20.05
N VAL D 146 22.86 20.03 -19.76
CA VAL D 146 22.17 21.06 -20.54
C VAL D 146 22.85 22.38 -20.28
N THR D 147 23.15 23.13 -21.34
CA THR D 147 23.90 24.37 -21.22
C THR D 147 22.98 25.57 -21.43
N VAL D 148 23.06 26.54 -20.52
CA VAL D 148 22.26 27.75 -20.58
C VAL D 148 23.20 28.94 -20.62
N ALA D 149 22.87 29.92 -21.47
CA ALA D 149 23.66 31.14 -21.60
C ALA D 149 22.73 32.34 -21.48
N TRP D 150 23.07 33.26 -20.60
CA TRP D 150 22.30 34.49 -20.40
C TRP D 150 22.97 35.62 -21.18
N LYS D 151 22.15 36.55 -21.68
CA LYS D 151 22.67 37.67 -22.44
C LYS D 151 21.79 38.89 -22.21
N ALA D 152 22.33 39.88 -21.51
CA ALA D 152 21.65 41.16 -21.26
C ALA D 152 22.15 42.16 -22.30
N ASP D 153 21.35 42.38 -23.34
CA ASP D 153 21.72 43.22 -24.48
C ASP D 153 23.01 42.71 -25.12
N SER D 154 22.98 41.44 -25.52
CA SER D 154 24.12 40.76 -26.14
C SER D 154 25.36 40.77 -25.24
N SER D 155 25.14 40.79 -23.93
CA SER D 155 26.23 40.78 -22.97
C SER D 155 25.83 39.93 -21.76
N PRO D 156 26.61 38.89 -21.44
CA PRO D 156 26.25 38.03 -20.30
C PRO D 156 26.48 38.71 -18.97
N VAL D 157 26.16 38.01 -17.90
CA VAL D 157 26.41 38.49 -16.54
C VAL D 157 27.58 37.71 -15.98
N LYS D 158 28.32 38.35 -15.07
CA LYS D 158 29.36 37.66 -14.32
C LYS D 158 28.68 36.78 -13.27
N ALA D 159 28.37 35.54 -13.69
CA ALA D 159 27.88 34.47 -12.81
C ALA D 159 26.50 34.61 -12.17
N GLY D 160 25.43 34.28 -12.91
CA GLY D 160 24.17 33.89 -12.29
C GLY D 160 23.26 32.96 -13.10
N VAL D 161 22.98 31.77 -12.53
CA VAL D 161 22.42 30.67 -13.33
C VAL D 161 21.59 29.60 -12.57
N GLU D 162 21.32 28.48 -13.26
CA GLU D 162 20.16 27.57 -13.14
C GLU D 162 20.05 26.59 -11.95
N THR D 163 19.03 25.73 -12.02
CA THR D 163 18.75 24.62 -11.13
C THR D 163 18.05 23.52 -11.93
N THR D 164 17.99 22.30 -11.36
CA THR D 164 17.48 21.14 -12.10
C THR D 164 16.78 20.15 -11.18
N THR D 165 15.59 19.70 -11.59
CA THR D 165 14.81 18.71 -10.84
C THR D 165 15.37 17.31 -11.04
N PRO D 166 14.99 16.36 -10.17
CA PRO D 166 15.39 14.96 -10.38
C PRO D 166 14.61 14.32 -11.51
N SER D 167 14.92 13.06 -11.82
CA SER D 167 14.22 12.35 -12.89
C SER D 167 12.75 12.20 -12.57
N LYS D 168 11.89 12.65 -13.49
CA LYS D 168 10.46 12.45 -13.35
C LYS D 168 10.15 10.96 -13.33
N GLN D 169 9.65 10.46 -12.19
CA GLN D 169 9.43 9.03 -12.01
C GLN D 169 8.47 8.43 -13.04
N SER D 170 7.76 9.26 -13.81
CA SER D 170 6.82 8.73 -14.80
C SER D 170 7.53 8.36 -16.10
N ASN D 171 8.13 9.35 -16.77
CA ASN D 171 8.65 9.14 -18.11
C ASN D 171 10.01 9.80 -18.28
N ASN D 172 10.87 9.72 -17.27
CA ASN D 172 12.27 10.15 -17.35
C ASN D 172 12.40 11.60 -17.82
N LYS D 173 11.49 12.46 -17.35
CA LYS D 173 11.44 13.85 -17.81
C LYS D 173 12.24 14.72 -16.86
N TYR D 174 13.51 14.93 -17.18
CA TYR D 174 14.30 15.94 -16.48
C TYR D 174 13.81 17.33 -16.88
N ALA D 175 14.05 18.29 -15.99
CA ALA D 175 13.69 19.68 -16.26
C ALA D 175 14.62 20.59 -15.49
N ALA D 176 14.81 21.79 -16.02
CA ALA D 176 15.74 22.77 -15.45
C ALA D 176 15.17 24.17 -15.63
N SER D 177 15.63 25.08 -14.77
CA SER D 177 15.19 26.47 -14.79
C SER D 177 16.36 27.38 -14.48
N SER D 178 16.57 28.39 -15.31
CA SER D 178 17.65 29.35 -15.13
C SER D 178 17.07 30.66 -14.61
N TYR D 179 17.64 31.13 -13.51
CA TYR D 179 17.23 32.36 -12.85
C TYR D 179 18.28 33.45 -13.07
N LEU D 180 17.83 34.66 -13.37
CA LEU D 180 18.71 35.80 -13.59
C LEU D 180 18.12 36.98 -12.81
N SER D 181 18.74 37.30 -11.67
CA SER D 181 18.30 38.37 -10.81
C SER D 181 19.22 39.57 -10.96
N LEU D 182 18.64 40.71 -11.33
CA LEU D 182 19.36 41.96 -11.45
C LEU D 182 18.55 43.08 -10.80
N THR D 183 19.24 44.17 -10.48
CA THR D 183 18.58 45.29 -9.82
C THR D 183 17.82 46.16 -10.82
N PRO D 184 16.80 46.88 -10.36
CA PRO D 184 16.06 47.77 -11.28
C PRO D 184 16.92 48.90 -11.82
N GLU D 185 18.02 49.26 -11.15
CA GLU D 185 18.97 50.21 -11.71
C GLU D 185 19.80 49.61 -12.82
N GLN D 186 19.67 48.31 -13.09
CA GLN D 186 20.39 47.67 -14.19
C GLN D 186 19.50 46.76 -15.02
N TRP D 187 18.18 46.77 -14.78
CA TRP D 187 17.26 45.86 -15.46
C TRP D 187 16.52 46.52 -16.62
N LYS D 188 15.84 47.62 -16.36
CA LYS D 188 14.98 48.24 -17.37
C LYS D 188 15.76 49.02 -18.42
N SER D 189 16.98 49.47 -18.11
CA SER D 189 17.75 50.27 -19.05
C SER D 189 18.25 49.49 -20.25
N HIS D 190 18.08 48.17 -20.26
CA HIS D 190 18.50 47.34 -21.37
C HIS D 190 17.30 46.99 -22.24
N ARG D 191 17.56 46.76 -23.53
CA ARG D 191 16.52 46.65 -24.53
C ARG D 191 16.25 45.23 -25.03
N SER D 192 17.08 44.26 -24.66
CA SER D 192 16.91 42.90 -25.17
C SER D 192 17.52 41.91 -24.19
N TYR D 193 16.67 41.15 -23.50
CA TYR D 193 17.12 40.05 -22.66
C TYR D 193 16.99 38.75 -23.44
N SER D 194 18.00 37.88 -23.34
CA SER D 194 17.99 36.66 -24.12
C SER D 194 18.60 35.52 -23.32
N CYS D 195 18.11 34.31 -23.58
CA CYS D 195 18.72 33.10 -23.06
C CYS D 195 18.82 32.07 -24.19
N GLN D 196 20.02 31.50 -24.34
CA GLN D 196 20.31 30.52 -25.36
C GLN D 196 20.60 29.18 -24.68
N VAL D 197 19.78 28.18 -24.99
CA VAL D 197 19.94 26.84 -24.44
C VAL D 197 20.51 25.95 -25.52
N THR D 198 21.60 25.26 -25.20
CA THR D 198 22.23 24.30 -26.09
C THR D 198 22.28 22.94 -25.41
N HIS D 199 22.12 21.89 -26.22
CA HIS D 199 22.02 20.53 -25.71
C HIS D 199 22.51 19.57 -26.79
N GLU D 200 22.93 18.38 -26.35
CA GLU D 200 23.41 17.37 -27.30
C GLU D 200 22.31 16.93 -28.25
N GLY D 201 21.10 16.69 -27.73
CA GLY D 201 20.00 16.30 -28.58
C GLY D 201 19.55 17.37 -29.56
N SER D 202 19.83 18.64 -29.27
CA SER D 202 19.46 19.72 -30.17
C SER D 202 20.50 19.89 -31.25
N THR D 203 20.02 20.10 -32.49
CA THR D 203 20.93 20.29 -33.61
C THR D 203 21.50 21.71 -33.64
N VAL D 204 20.67 22.71 -33.32
CA VAL D 204 21.10 24.10 -33.30
C VAL D 204 20.73 24.69 -31.94
N GLU D 205 21.18 25.92 -31.72
CA GLU D 205 20.91 26.59 -30.45
C GLU D 205 19.44 26.99 -30.36
N LYS D 206 18.89 26.92 -29.15
CA LYS D 206 17.52 27.34 -28.89
C LYS D 206 17.57 28.71 -28.23
N THR D 207 17.34 29.75 -29.01
CA THR D 207 17.43 31.12 -28.54
C THR D 207 16.03 31.65 -28.22
N VAL D 208 15.87 32.22 -27.03
CA VAL D 208 14.62 32.86 -26.62
C VAL D 208 14.97 34.25 -26.12
N ALA D 209 14.55 35.27 -26.86
CA ALA D 209 14.94 36.66 -26.57
C ALA D 209 13.70 37.50 -26.25
N PRO D 210 13.43 37.76 -24.97
CA PRO D 210 12.34 38.70 -24.65
C PRO D 210 12.83 40.14 -24.64
N THR D 211 12.08 41.03 -25.27
CA THR D 211 12.41 42.44 -25.33
C THR D 211 11.63 43.20 -24.26
N GLU D 212 12.25 44.28 -23.76
CA GLU D 212 11.63 45.10 -22.72
C GLU D 212 10.53 45.94 -23.36
N CYS D 213 9.36 45.33 -23.50
CA CYS D 213 8.22 45.99 -24.11
C CYS D 213 6.96 45.82 -23.27
#